data_1UED
#
_entry.id   1UED
#
_cell.length_a   41.063
_cell.length_b   99.270
_cell.length_c   105.081
_cell.angle_alpha   90.00
_cell.angle_beta   96.11
_cell.angle_gamma   90.00
#
_symmetry.space_group_name_H-M   'P 1 21 1'
#
loop_
_entity.id
_entity.type
_entity.pdbx_description
1 polymer 'P450 monooxygenase'
2 non-polymer 'PROTOPORPHYRIN IX CONTAINING FE'
3 non-polymer 'TETRAETHYLENE GLYCOL'
4 non-polymer DI(HYDROXYETHYL)ETHER
5 water water
#
_entity_poly.entity_id   1
_entity_poly.type   'polypeptide(L)'
_entity_poly.pdbx_seq_one_letter_code
;MGHDIDQVAPLLREPANFQLRTNCDPHEDNFGLRAHGPLVRIVGESSTQLGRDFVWQAHGYEVVRRILGDHEHFTTRPQF
TQSKSGAHVEAQFVGQISTYDPPEHTRLRKMLTPEFTVRRIRRMEPAIQSLIDDRLDLLEAEGPSADLQGLFADPVGAHA
LCELLGIPRDDQREFVRRIRRNADLSRGLKARAADSAAFNRYLDNLLARQRADPDDGLLGMIVRDHGDNVTDEELKGLCT
ALILGGVETVAGMIGFGVLALLDNPGQIELLFESPEKAERVVNELVRYLSPVQAPNPRLAIKDVVIDGQLIKAGDYVLCS
ILMANRDEALTPDPDVLDANRAAVSDVGFGHGIHYCVGAALARSMLRMAYQTLWRRFPGLRLAVPIEEVKYRSAFVDCPD
QVPVTW
;
_entity_poly.pdbx_strand_id   A,B
#
loop_
_chem_comp.id
_chem_comp.type
_chem_comp.name
_chem_comp.formula
HEM non-polymer 'PROTOPORPHYRIN IX CONTAINING FE' 'C34 H32 Fe N4 O4'
PEG non-polymer DI(HYDROXYETHYL)ETHER 'C4 H10 O3'
PG4 non-polymer 'TETRAETHYLENE GLYCOL' 'C8 H18 O5'
#
# COMPACT_ATOMS: atom_id res chain seq x y z
N ASP A 4 1.36 -12.30 11.16
CA ASP A 4 0.34 -11.32 10.68
C ASP A 4 -0.38 -11.83 9.43
N ILE A 5 -1.49 -12.54 9.64
CA ILE A 5 -2.29 -13.11 8.55
C ILE A 5 -3.56 -12.33 8.25
N ASP A 6 -3.89 -12.21 6.99
CA ASP A 6 -5.08 -11.49 6.58
C ASP A 6 -6.10 -12.46 5.98
N GLN A 7 -7.25 -11.94 5.58
CA GLN A 7 -8.25 -12.77 4.94
C GLN A 7 -7.53 -13.26 3.67
N VAL A 8 -7.95 -14.42 3.16
CA VAL A 8 -7.34 -14.98 1.97
C VAL A 8 -7.57 -14.05 0.77
N ALA A 9 -6.53 -13.84 -0.04
CA ALA A 9 -6.73 -12.98 -1.22
C ALA A 9 -7.88 -13.60 -2.03
N PRO A 10 -8.82 -12.78 -2.49
CA PRO A 10 -9.98 -13.22 -3.27
C PRO A 10 -9.65 -13.77 -4.65
N LEU A 11 -10.40 -14.79 -5.09
CA LEU A 11 -10.21 -15.38 -6.40
C LEU A 11 -10.76 -14.43 -7.44
N LEU A 12 -9.91 -13.97 -8.35
CA LEU A 12 -10.35 -13.05 -9.37
C LEU A 12 -10.30 -13.74 -10.73
N ARG A 13 -11.27 -13.45 -11.58
CA ARG A 13 -11.29 -14.04 -12.91
C ARG A 13 -10.17 -13.32 -13.69
N GLU A 14 -9.42 -14.06 -14.48
CA GLU A 14 -8.36 -13.45 -15.26
C GLU A 14 -9.01 -12.44 -16.21
N PRO A 15 -8.59 -11.15 -16.14
CA PRO A 15 -9.15 -10.11 -17.01
C PRO A 15 -8.93 -10.36 -18.50
N ALA A 16 -9.84 -9.85 -19.32
CA ALA A 16 -9.73 -10.03 -20.77
C ALA A 16 -8.34 -9.68 -21.30
N ASN A 17 -7.84 -8.51 -20.87
CA ASN A 17 -6.53 -8.03 -21.31
C ASN A 17 -5.39 -8.27 -20.33
N PHE A 18 -5.49 -9.38 -19.62
CA PHE A 18 -4.47 -9.79 -18.68
C PHE A 18 -3.16 -9.87 -19.46
N GLN A 19 -2.12 -9.20 -18.95
CA GLN A 19 -0.78 -9.19 -19.54
C GLN A 19 -0.62 -8.48 -20.88
N LEU A 20 -1.71 -7.93 -21.40
CA LEU A 20 -1.64 -7.24 -22.66
C LEU A 20 -1.36 -5.77 -22.42
N ARG A 21 -0.88 -5.08 -23.44
CA ARG A 21 -0.55 -3.68 -23.33
C ARG A 21 -1.37 -2.70 -24.15
N THR A 22 -1.28 -1.45 -23.74
CA THR A 22 -1.90 -0.33 -24.42
C THR A 22 -0.72 0.55 -24.73
N ASN A 23 -0.29 0.46 -25.99
CA ASN A 23 0.88 1.18 -26.44
C ASN A 23 2.02 0.50 -25.64
N CYS A 24 2.89 1.26 -24.99
CA CYS A 24 3.97 0.63 -24.22
C CYS A 24 3.58 0.18 -22.82
N ASP A 25 2.46 0.67 -22.34
CA ASP A 25 2.00 0.40 -20.97
C ASP A 25 1.12 -0.78 -20.74
N PRO A 26 1.00 -1.23 -19.46
CA PRO A 26 0.13 -2.36 -19.16
C PRO A 26 -1.29 -1.85 -19.52
N HIS A 27 -2.13 -2.75 -20.04
CA HIS A 27 -3.49 -2.37 -20.36
C HIS A 27 -4.18 -2.08 -19.01
N GLU A 28 -5.10 -1.10 -19.00
CA GLU A 28 -5.82 -0.74 -17.77
C GLU A 28 -6.31 -1.96 -16.98
N ASP A 29 -6.69 -3.04 -17.65
CA ASP A 29 -7.12 -4.23 -16.90
C ASP A 29 -6.13 -4.71 -15.82
N ASN A 30 -4.84 -4.54 -16.10
CA ASN A 30 -3.79 -4.95 -15.20
C ASN A 30 -3.68 -4.02 -13.98
N PHE A 31 -3.99 -2.74 -14.19
CA PHE A 31 -3.99 -1.81 -13.07
C PHE A 31 -5.21 -2.14 -12.18
N GLY A 32 -6.33 -2.54 -12.80
CA GLY A 32 -7.51 -2.90 -12.01
C GLY A 32 -7.25 -4.14 -11.12
N LEU A 33 -6.50 -5.08 -11.67
CA LEU A 33 -6.15 -6.26 -10.91
C LEU A 33 -5.20 -5.86 -9.77
N ARG A 34 -4.24 -4.99 -10.06
CA ARG A 34 -3.28 -4.55 -9.05
C ARG A 34 -3.98 -3.84 -7.91
N ALA A 35 -5.06 -3.13 -8.23
CA ALA A 35 -5.81 -2.39 -7.23
C ALA A 35 -6.39 -3.30 -6.13
N HIS A 36 -6.41 -4.60 -6.38
CA HIS A 36 -6.91 -5.55 -5.38
C HIS A 36 -5.87 -5.93 -4.33
N GLY A 37 -4.60 -5.52 -4.53
CA GLY A 37 -3.55 -5.85 -3.56
C GLY A 37 -2.28 -6.37 -4.20
N PRO A 38 -1.13 -6.41 -3.46
CA PRO A 38 0.15 -6.88 -4.00
C PRO A 38 0.16 -8.34 -4.45
N LEU A 39 -0.71 -9.14 -3.83
CA LEU A 39 -0.81 -10.56 -4.10
C LEU A 39 -2.27 -10.96 -4.30
N VAL A 40 -2.61 -11.49 -5.47
CA VAL A 40 -3.99 -11.90 -5.72
C VAL A 40 -4.01 -13.32 -6.21
N ARG A 41 -5.20 -13.89 -6.36
CA ARG A 41 -5.31 -15.25 -6.89
C ARG A 41 -6.15 -15.06 -8.14
N ILE A 42 -5.75 -15.72 -9.20
CA ILE A 42 -6.45 -15.59 -10.46
C ILE A 42 -6.82 -16.94 -11.03
N VAL A 43 -7.98 -17.01 -11.69
CA VAL A 43 -8.48 -18.23 -12.30
C VAL A 43 -8.75 -17.93 -13.75
N GLY A 44 -8.17 -18.71 -14.64
CA GLY A 44 -8.37 -18.51 -16.06
C GLY A 44 -7.43 -19.36 -16.88
N GLU A 45 -7.03 -18.83 -18.03
CA GLU A 45 -6.11 -19.53 -18.90
C GLU A 45 -4.79 -19.85 -18.17
N SER A 46 -4.27 -18.92 -17.37
CA SER A 46 -3.03 -19.21 -16.64
C SER A 46 -3.07 -20.44 -15.72
N SER A 47 -4.11 -20.53 -14.89
CA SER A 47 -4.21 -21.66 -13.97
C SER A 47 -4.45 -22.96 -14.73
N THR A 48 -5.25 -22.91 -15.79
CA THR A 48 -5.50 -24.13 -16.57
C THR A 48 -4.22 -24.66 -17.19
N GLN A 49 -3.46 -23.76 -17.81
CA GLN A 49 -2.22 -24.12 -18.44
C GLN A 49 -1.27 -24.78 -17.44
N LEU A 50 -1.31 -24.37 -16.17
CA LEU A 50 -0.46 -24.95 -15.15
C LEU A 50 -1.10 -26.13 -14.39
N GLY A 51 -2.32 -26.53 -14.79
CA GLY A 51 -2.97 -27.65 -14.12
C GLY A 51 -3.36 -27.36 -12.68
N ARG A 52 -3.89 -26.16 -12.42
CA ARG A 52 -4.29 -25.77 -11.06
C ARG A 52 -5.68 -25.14 -11.06
N ASP A 53 -6.28 -25.08 -9.89
CA ASP A 53 -7.60 -24.49 -9.75
C ASP A 53 -7.45 -22.97 -9.80
N PHE A 54 -6.25 -22.49 -9.43
CA PHE A 54 -5.97 -21.05 -9.43
C PHE A 54 -4.43 -20.89 -9.34
N VAL A 55 -3.94 -19.69 -9.61
CA VAL A 55 -2.51 -19.41 -9.42
C VAL A 55 -2.41 -18.06 -8.70
N TRP A 56 -1.34 -17.88 -7.91
CA TRP A 56 -1.15 -16.58 -7.27
C TRP A 56 -0.51 -15.65 -8.31
N GLN A 57 -0.71 -14.35 -8.18
CA GLN A 57 0.01 -13.40 -9.03
C GLN A 57 0.52 -12.34 -8.06
N ALA A 58 1.85 -12.22 -8.00
CA ALA A 58 2.54 -11.23 -7.19
C ALA A 58 2.74 -10.10 -8.20
N HIS A 59 2.21 -8.92 -7.89
CA HIS A 59 2.40 -7.81 -8.82
C HIS A 59 2.73 -6.45 -8.15
N GLY A 60 3.03 -6.49 -6.85
CA GLY A 60 3.48 -5.29 -6.16
C GLY A 60 5.01 -5.43 -6.18
N TYR A 61 5.74 -4.33 -6.09
CA TYR A 61 7.20 -4.36 -6.14
C TYR A 61 7.87 -5.21 -5.06
N GLU A 62 7.52 -4.93 -3.80
CA GLU A 62 8.15 -5.67 -2.72
C GLU A 62 7.91 -7.17 -2.80
N VAL A 63 6.68 -7.60 -3.08
CA VAL A 63 6.45 -9.06 -3.11
C VAL A 63 7.10 -9.73 -4.32
N VAL A 64 7.17 -9.03 -5.45
CA VAL A 64 7.79 -9.65 -6.64
C VAL A 64 9.29 -9.78 -6.43
N ARG A 65 9.89 -8.75 -5.85
CA ARG A 65 11.34 -8.83 -5.60
C ARG A 65 11.64 -10.01 -4.64
N ARG A 66 10.83 -10.12 -3.59
CA ARG A 66 11.01 -11.20 -2.60
C ARG A 66 10.89 -12.58 -3.19
N ILE A 67 9.81 -12.84 -3.89
CA ILE A 67 9.60 -14.15 -4.48
C ILE A 67 10.60 -14.50 -5.55
N LEU A 68 10.93 -13.54 -6.43
CA LEU A 68 11.89 -13.82 -7.50
C LEU A 68 13.23 -14.30 -6.90
N GLY A 69 13.65 -13.65 -5.82
CA GLY A 69 14.90 -14.01 -5.16
C GLY A 69 14.85 -15.17 -4.17
N ASP A 70 13.66 -15.65 -3.82
CA ASP A 70 13.52 -16.77 -2.87
C ASP A 70 13.70 -18.16 -3.49
N HIS A 71 14.87 -18.78 -3.31
CA HIS A 71 15.09 -20.13 -3.83
C HIS A 71 15.01 -21.17 -2.70
N GLU A 72 14.60 -20.71 -1.52
CA GLU A 72 14.41 -21.59 -0.38
C GLU A 72 13.01 -22.22 -0.50
N HIS A 73 12.02 -21.37 -0.77
CA HIS A 73 10.64 -21.83 -0.82
C HIS A 73 10.07 -22.13 -2.18
N PHE A 74 10.82 -21.78 -3.22
CA PHE A 74 10.37 -21.96 -4.59
C PHE A 74 11.38 -22.61 -5.52
N THR A 75 10.86 -23.34 -6.51
CA THR A 75 11.66 -23.98 -7.55
C THR A 75 11.16 -23.47 -8.92
N THR A 76 12.01 -23.56 -9.96
CA THR A 76 11.58 -23.21 -11.31
C THR A 76 11.78 -24.43 -12.21
N ARG A 77 12.02 -25.57 -11.58
CA ARG A 77 12.17 -26.84 -12.29
C ARG A 77 10.82 -27.26 -12.85
N PRO A 78 10.80 -27.73 -14.10
CA PRO A 78 9.58 -28.18 -14.76
C PRO A 78 9.11 -29.42 -14.01
N GLN A 79 7.81 -29.67 -14.01
CA GLN A 79 7.27 -30.84 -13.33
C GLN A 79 6.84 -31.80 -14.44
N PHE A 80 7.59 -32.88 -14.60
CA PHE A 80 7.29 -33.85 -15.65
C PHE A 80 6.62 -35.10 -15.09
N GLU A 90 12.30 -34.37 -19.14
CA GLU A 90 13.32 -33.69 -18.36
C GLU A 90 14.60 -33.41 -19.16
N ALA A 91 14.96 -34.33 -20.05
CA ALA A 91 16.18 -34.19 -20.85
C ALA A 91 16.08 -33.02 -21.82
N GLN A 92 14.87 -32.57 -22.09
CA GLN A 92 14.68 -31.44 -22.99
C GLN A 92 15.07 -30.15 -22.27
N PHE A 93 15.23 -30.21 -20.95
CA PHE A 93 15.61 -29.03 -20.18
C PHE A 93 17.07 -29.00 -19.72
N VAL A 94 17.86 -30.03 -20.07
CA VAL A 94 19.28 -30.05 -19.68
C VAL A 94 19.96 -28.77 -20.18
N GLY A 95 20.69 -28.11 -19.28
CA GLY A 95 21.37 -26.86 -19.63
C GLY A 95 20.49 -25.60 -19.63
N GLN A 96 19.18 -25.73 -19.42
CA GLN A 96 18.28 -24.56 -19.40
C GLN A 96 18.38 -23.95 -18.02
N ILE A 97 19.44 -23.19 -17.83
CA ILE A 97 19.78 -22.60 -16.54
C ILE A 97 18.68 -21.92 -15.72
N SER A 98 17.74 -21.24 -16.39
CA SER A 98 16.67 -20.55 -15.66
C SER A 98 15.75 -21.53 -14.92
N THR A 99 15.75 -22.80 -15.36
CA THR A 99 14.90 -23.81 -14.71
C THR A 99 15.60 -24.66 -13.68
N TYR A 100 16.88 -24.34 -13.40
CA TYR A 100 17.66 -25.07 -12.38
C TYR A 100 17.61 -24.35 -11.02
N ASP A 101 17.69 -25.11 -9.92
CA ASP A 101 17.77 -24.54 -8.56
C ASP A 101 19.20 -24.87 -8.04
N PRO A 102 19.63 -24.22 -6.96
CA PRO A 102 20.97 -24.60 -6.48
C PRO A 102 20.81 -26.05 -5.97
N PRO A 103 21.87 -26.85 -5.96
CA PRO A 103 23.24 -26.53 -6.37
C PRO A 103 23.52 -26.61 -7.88
N GLU A 104 22.66 -27.30 -8.63
CA GLU A 104 22.91 -27.44 -10.07
C GLU A 104 22.98 -26.12 -10.83
N HIS A 105 22.13 -25.17 -10.42
CA HIS A 105 22.10 -23.84 -11.03
C HIS A 105 23.45 -23.14 -10.89
N THR A 106 23.99 -23.25 -9.69
CA THR A 106 25.23 -22.58 -9.33
C THR A 106 26.36 -23.02 -10.24
N ARG A 107 26.39 -24.31 -10.57
CA ARG A 107 27.44 -24.82 -11.43
C ARG A 107 27.33 -24.26 -12.84
N LEU A 108 26.11 -24.22 -13.40
CA LEU A 108 25.96 -23.70 -14.76
C LEU A 108 26.20 -22.21 -14.78
N ARG A 109 25.73 -21.51 -13.74
CA ARG A 109 25.87 -20.06 -13.67
C ARG A 109 27.38 -19.70 -13.68
N LYS A 110 28.16 -20.42 -12.90
CA LYS A 110 29.58 -20.11 -12.84
C LYS A 110 30.30 -20.36 -14.16
N MET A 111 29.74 -21.19 -15.04
CA MET A 111 30.35 -21.40 -16.36
C MET A 111 30.07 -20.23 -17.28
N LEU A 112 28.93 -19.55 -17.07
CA LEU A 112 28.52 -18.41 -17.89
C LEU A 112 29.13 -17.07 -17.54
N THR A 113 29.16 -16.78 -16.24
CA THR A 113 29.72 -15.54 -15.67
C THR A 113 30.96 -14.96 -16.36
N PRO A 114 32.00 -15.77 -16.55
CA PRO A 114 33.24 -15.34 -17.18
C PRO A 114 33.10 -14.74 -18.60
N GLU A 115 32.05 -15.12 -19.32
CA GLU A 115 31.90 -14.65 -20.68
C GLU A 115 31.06 -13.40 -20.79
N PHE A 116 30.46 -12.98 -19.68
CA PHE A 116 29.60 -11.80 -19.69
C PHE A 116 30.10 -10.59 -18.95
N THR A 117 31.39 -10.56 -18.63
CA THR A 117 31.96 -9.43 -17.91
C THR A 117 32.03 -8.22 -18.83
N VAL A 118 32.10 -7.03 -18.23
CA VAL A 118 32.18 -5.80 -19.02
C VAL A 118 33.47 -5.83 -19.88
N ARG A 119 34.53 -6.44 -19.37
CA ARG A 119 35.78 -6.55 -20.15
C ARG A 119 35.51 -7.27 -21.47
N ARG A 120 34.82 -8.39 -21.40
CA ARG A 120 34.51 -9.17 -22.59
C ARG A 120 33.54 -8.40 -23.48
N ILE A 121 32.56 -7.75 -22.87
CA ILE A 121 31.60 -6.97 -23.64
C ILE A 121 32.28 -5.84 -24.44
N ARG A 122 33.13 -5.08 -23.79
CA ARG A 122 33.82 -3.99 -24.49
C ARG A 122 34.56 -4.47 -25.73
N ARG A 123 35.15 -5.66 -25.65
CA ARG A 123 35.90 -6.20 -26.78
C ARG A 123 34.95 -6.60 -27.89
N MET A 124 33.69 -6.70 -27.54
CA MET A 124 32.67 -7.10 -28.48
C MET A 124 32.02 -5.88 -29.17
N GLU A 125 32.16 -4.74 -28.56
CA GLU A 125 31.53 -3.52 -29.08
C GLU A 125 31.79 -3.15 -30.54
N PRO A 126 33.04 -3.31 -31.02
CA PRO A 126 33.26 -2.96 -32.43
C PRO A 126 32.41 -3.77 -33.39
N ALA A 127 32.27 -5.05 -33.10
CA ALA A 127 31.47 -5.90 -33.94
C ALA A 127 29.98 -5.52 -33.82
N ILE A 128 29.58 -5.11 -32.61
CA ILE A 128 28.17 -4.74 -32.35
C ILE A 128 27.90 -3.41 -33.05
N GLN A 129 28.83 -2.47 -32.94
CA GLN A 129 28.67 -1.16 -33.60
C GLN A 129 28.54 -1.37 -35.11
N SER A 130 29.37 -2.25 -35.64
CA SER A 130 29.35 -2.51 -37.06
C SER A 130 28.04 -3.17 -37.51
N LEU A 131 27.47 -4.03 -36.67
CA LEU A 131 26.21 -4.68 -36.97
C LEU A 131 25.08 -3.60 -36.98
N ILE A 132 25.08 -2.76 -35.95
CA ILE A 132 24.08 -1.69 -35.85
C ILE A 132 24.17 -0.79 -37.09
N ASP A 133 25.38 -0.38 -37.44
CA ASP A 133 25.58 0.50 -38.61
C ASP A 133 25.05 -0.13 -39.89
N ASP A 134 25.32 -1.43 -40.07
CA ASP A 134 24.85 -2.11 -41.28
C ASP A 134 23.33 -2.18 -41.36
N ARG A 135 22.71 -2.41 -40.23
CA ARG A 135 21.26 -2.50 -40.23
C ARG A 135 20.67 -1.11 -40.42
N LEU A 136 21.29 -0.07 -39.87
CA LEU A 136 20.71 1.27 -40.11
C LEU A 136 20.90 1.66 -41.60
N ASP A 137 21.96 1.17 -42.25
CA ASP A 137 22.14 1.46 -43.69
C ASP A 137 20.93 0.90 -44.45
N LEU A 138 20.47 -0.27 -44.02
CA LEU A 138 19.33 -0.88 -44.68
C LEU A 138 18.05 -0.09 -44.40
N LEU A 139 17.92 0.38 -43.15
CA LEU A 139 16.74 1.18 -42.79
C LEU A 139 16.74 2.40 -43.72
N GLU A 140 17.88 3.05 -43.85
CA GLU A 140 18.04 4.21 -44.71
C GLU A 140 17.71 3.88 -46.17
N ALA A 141 18.16 2.73 -46.66
CA ALA A 141 17.88 2.34 -48.05
C ALA A 141 16.39 2.15 -48.29
N GLU A 142 15.71 1.55 -47.33
CA GLU A 142 14.27 1.33 -47.45
C GLU A 142 13.52 2.66 -47.54
N GLY A 143 13.96 3.65 -46.78
CA GLY A 143 13.32 4.96 -46.80
C GLY A 143 12.07 5.03 -45.94
N PRO A 144 11.26 6.09 -46.06
CA PRO A 144 10.01 6.30 -45.29
C PRO A 144 9.08 5.10 -45.21
N SER A 145 8.66 4.80 -43.98
CA SER A 145 7.78 3.69 -43.65
C SER A 145 8.59 2.40 -43.38
N ALA A 146 9.92 2.48 -43.43
CA ALA A 146 10.77 1.30 -43.17
C ALA A 146 10.36 0.66 -41.83
N ASP A 147 10.30 -0.67 -41.77
CA ASP A 147 9.96 -1.35 -40.52
C ASP A 147 11.22 -1.45 -39.62
N LEU A 148 11.27 -0.57 -38.63
CA LEU A 148 12.38 -0.59 -37.70
C LEU A 148 12.48 -1.88 -36.93
N GLN A 149 11.35 -2.54 -36.66
CA GLN A 149 11.41 -3.79 -35.89
C GLN A 149 12.08 -4.89 -36.74
N GLY A 150 11.54 -5.12 -37.93
CA GLY A 150 12.09 -6.17 -38.79
C GLY A 150 13.47 -5.92 -39.40
N LEU A 151 13.77 -4.65 -39.68
CA LEU A 151 15.04 -4.33 -40.32
C LEU A 151 16.17 -3.97 -39.39
N PHE A 152 15.85 -3.54 -38.18
CA PHE A 152 16.89 -3.12 -37.23
C PHE A 152 16.84 -3.88 -35.90
N ALA A 153 15.73 -3.78 -35.20
CA ALA A 153 15.68 -4.43 -33.85
C ALA A 153 15.89 -5.95 -33.82
N ASP A 154 15.12 -6.64 -34.66
CA ASP A 154 15.15 -8.09 -34.76
C ASP A 154 16.50 -8.63 -35.19
N PRO A 155 17.05 -8.12 -36.31
CA PRO A 155 18.36 -8.66 -36.72
C PRO A 155 19.48 -8.25 -35.75
N VAL A 156 19.36 -7.12 -35.08
CA VAL A 156 20.41 -6.76 -34.11
C VAL A 156 20.40 -7.77 -32.95
N GLY A 157 19.23 -8.10 -32.45
CA GLY A 157 19.12 -9.07 -31.38
C GLY A 157 19.63 -10.44 -31.82
N ALA A 158 19.22 -10.88 -33.01
CA ALA A 158 19.61 -12.18 -33.53
C ALA A 158 21.11 -12.27 -33.85
N HIS A 159 21.60 -11.30 -34.59
CA HIS A 159 23.01 -11.33 -34.95
C HIS A 159 23.93 -11.07 -33.78
N ALA A 160 23.50 -10.28 -32.81
CA ALA A 160 24.34 -10.08 -31.63
C ALA A 160 24.53 -11.45 -30.94
N LEU A 161 23.48 -12.24 -30.89
CA LEU A 161 23.58 -13.55 -30.26
C LEU A 161 24.52 -14.44 -31.04
N CYS A 162 24.45 -14.35 -32.37
CA CYS A 162 25.32 -15.15 -33.22
C CYS A 162 26.79 -14.84 -32.92
N GLU A 163 27.10 -13.56 -32.75
CA GLU A 163 28.44 -13.07 -32.45
C GLU A 163 28.93 -13.56 -31.10
N LEU A 164 28.04 -13.52 -30.12
CA LEU A 164 28.35 -13.98 -28.78
C LEU A 164 28.70 -15.47 -28.79
N LEU A 165 27.89 -16.29 -29.45
CA LEU A 165 28.16 -17.73 -29.46
C LEU A 165 29.39 -18.08 -30.28
N GLY A 166 29.61 -17.31 -31.35
CA GLY A 166 30.75 -17.51 -32.23
C GLY A 166 30.29 -18.24 -33.47
N ILE A 167 29.12 -17.88 -33.98
CA ILE A 167 28.59 -18.54 -35.19
C ILE A 167 29.31 -17.92 -36.38
N PRO A 168 29.89 -18.76 -37.25
CA PRO A 168 30.62 -18.28 -38.44
C PRO A 168 29.76 -17.27 -39.17
N ARG A 169 30.37 -16.16 -39.60
CA ARG A 169 29.65 -15.13 -40.32
C ARG A 169 28.81 -15.65 -41.47
N ASP A 170 29.37 -16.57 -42.25
CA ASP A 170 28.66 -17.10 -43.39
C ASP A 170 27.51 -18.04 -43.04
N ASP A 171 27.44 -18.46 -41.77
CA ASP A 171 26.36 -19.33 -41.33
C ASP A 171 25.24 -18.55 -40.63
N GLN A 172 25.52 -17.32 -40.22
CA GLN A 172 24.54 -16.50 -39.47
C GLN A 172 23.19 -16.30 -40.15
N ARG A 173 23.23 -16.02 -41.44
CA ARG A 173 22.03 -15.80 -42.24
C ARG A 173 21.09 -16.99 -42.03
N GLU A 174 21.59 -18.20 -42.28
CA GLU A 174 20.81 -19.41 -42.12
C GLU A 174 20.49 -19.67 -40.65
N PHE A 175 21.46 -19.46 -39.78
CA PHE A 175 21.24 -19.67 -38.35
C PHE A 175 20.10 -18.76 -37.82
N VAL A 176 20.12 -17.48 -38.17
CA VAL A 176 19.04 -16.59 -37.72
C VAL A 176 17.72 -17.12 -38.29
N ARG A 177 17.72 -17.53 -39.56
CA ARG A 177 16.50 -18.08 -40.13
C ARG A 177 16.00 -19.26 -39.30
N ARG A 178 16.90 -20.14 -38.86
CA ARG A 178 16.50 -21.29 -38.03
C ARG A 178 15.88 -20.75 -36.73
N ILE A 179 16.59 -19.80 -36.12
CA ILE A 179 16.15 -19.17 -34.88
C ILE A 179 14.69 -18.72 -34.95
N ARG A 180 14.30 -18.16 -36.10
CA ARG A 180 12.94 -17.68 -36.27
C ARG A 180 11.92 -18.75 -36.65
N ARG A 181 12.37 -19.85 -37.28
CA ARG A 181 11.47 -20.94 -37.67
C ARG A 181 10.88 -21.67 -36.46
N ASN A 182 11.75 -22.21 -35.61
CA ASN A 182 11.31 -22.90 -34.40
C ASN A 182 10.61 -21.94 -33.45
N ALA A 183 10.83 -20.64 -33.66
CA ALA A 183 10.19 -19.64 -32.81
C ALA A 183 8.72 -19.57 -33.15
N ARG A 187 3.65 -24.41 -38.14
CA ARG A 187 4.01 -25.04 -39.41
C ARG A 187 3.86 -26.56 -39.32
N GLY A 188 3.30 -27.00 -38.21
CA GLY A 188 3.08 -28.42 -37.99
C GLY A 188 4.20 -29.03 -37.18
N LEU A 189 3.86 -29.98 -36.31
CA LEU A 189 4.85 -30.65 -35.48
C LEU A 189 5.94 -31.34 -36.30
N LYS A 190 5.59 -31.91 -37.45
CA LYS A 190 6.57 -32.59 -38.29
C LYS A 190 7.62 -31.62 -38.85
N ALA A 191 7.19 -30.41 -39.23
CA ALA A 191 8.13 -29.44 -39.76
C ALA A 191 9.05 -29.01 -38.64
N ARG A 192 8.48 -28.74 -37.47
CA ARG A 192 9.27 -28.32 -36.30
C ARG A 192 10.29 -29.38 -35.91
N ALA A 193 9.91 -30.66 -36.01
CA ALA A 193 10.81 -31.76 -35.71
C ALA A 193 12.02 -31.72 -36.68
N ALA A 194 11.76 -31.33 -37.93
CA ALA A 194 12.81 -31.24 -38.93
C ALA A 194 13.75 -30.06 -38.66
N ASP A 195 13.18 -28.92 -38.28
CA ASP A 195 13.98 -27.75 -37.95
C ASP A 195 14.86 -28.09 -36.74
N SER A 196 14.27 -28.75 -35.76
CA SER A 196 14.98 -29.14 -34.54
C SER A 196 16.14 -30.11 -34.84
N ALA A 197 15.86 -31.10 -35.68
CA ALA A 197 16.88 -32.07 -36.04
C ALA A 197 18.07 -31.36 -36.68
N ALA A 198 17.75 -30.44 -37.61
CA ALA A 198 18.76 -29.69 -38.36
C ALA A 198 19.58 -28.75 -37.47
N PHE A 199 18.89 -28.12 -36.52
CA PHE A 199 19.53 -27.20 -35.58
C PHE A 199 20.48 -27.98 -34.66
N ASN A 200 20.04 -29.14 -34.19
CA ASN A 200 20.82 -29.99 -33.32
C ASN A 200 22.08 -30.54 -34.04
N ARG A 201 21.91 -30.92 -35.30
CA ARG A 201 23.00 -31.42 -36.12
C ARG A 201 24.02 -30.31 -36.25
N TYR A 202 23.55 -29.09 -36.48
CA TYR A 202 24.43 -27.94 -36.63
C TYR A 202 25.26 -27.69 -35.36
N LEU A 203 24.59 -27.73 -34.21
CA LEU A 203 25.25 -27.50 -32.94
C LEU A 203 26.26 -28.60 -32.64
N ASP A 204 25.94 -29.85 -32.99
CA ASP A 204 26.89 -30.95 -32.74
C ASP A 204 28.17 -30.70 -33.56
N ASN A 205 28.02 -30.32 -34.83
CA ASN A 205 29.19 -30.05 -35.65
C ASN A 205 29.97 -28.84 -35.07
N LEU A 206 29.24 -27.81 -34.65
CA LEU A 206 29.89 -26.64 -34.07
C LEU A 206 30.70 -27.00 -32.81
N LEU A 207 30.09 -27.80 -31.93
CA LEU A 207 30.73 -28.21 -30.68
C LEU A 207 31.94 -29.11 -30.94
N ALA A 208 31.85 -29.99 -31.95
CA ALA A 208 32.97 -30.87 -32.26
C ALA A 208 34.17 -30.00 -32.62
N ARG A 209 33.91 -28.95 -33.38
CA ARG A 209 34.98 -28.05 -33.78
C ARG A 209 35.59 -27.32 -32.57
N GLN A 210 34.75 -26.87 -31.65
CA GLN A 210 35.25 -26.20 -30.46
C GLN A 210 36.00 -27.15 -29.53
N ARG A 211 35.50 -28.37 -29.37
CA ARG A 211 36.19 -29.35 -28.50
C ARG A 211 37.58 -29.62 -29.09
N ALA A 212 37.65 -29.64 -30.42
CA ALA A 212 38.90 -29.92 -31.12
C ALA A 212 39.96 -28.82 -31.01
N ASP A 213 39.53 -27.58 -31.15
CA ASP A 213 40.45 -26.46 -31.07
C ASP A 213 39.66 -25.22 -30.61
N PRO A 214 39.49 -25.05 -29.29
CA PRO A 214 38.75 -23.94 -28.66
C PRO A 214 39.20 -22.52 -29.00
N ASP A 215 38.29 -21.70 -29.49
CA ASP A 215 38.64 -20.31 -29.75
C ASP A 215 38.28 -19.44 -28.52
N ASP A 216 38.09 -18.14 -28.77
CA ASP A 216 37.82 -17.13 -27.73
C ASP A 216 36.35 -16.80 -27.48
N GLY A 217 35.47 -17.35 -28.31
CA GLY A 217 34.06 -17.09 -28.16
C GLY A 217 33.52 -17.64 -26.85
N LEU A 218 32.22 -17.47 -26.64
CA LEU A 218 31.62 -17.97 -25.42
C LEU A 218 31.72 -19.50 -25.35
N LEU A 219 31.40 -20.20 -26.42
CA LEU A 219 31.49 -21.67 -26.35
C LEU A 219 32.93 -22.13 -26.20
N GLY A 220 33.83 -21.53 -26.97
CA GLY A 220 35.23 -21.92 -26.87
C GLY A 220 35.81 -21.67 -25.49
N MET A 221 35.45 -20.55 -24.87
CA MET A 221 35.94 -20.24 -23.54
C MET A 221 35.46 -21.26 -22.49
N ILE A 222 34.21 -21.70 -22.61
CA ILE A 222 33.70 -22.67 -21.64
C ILE A 222 34.35 -24.03 -21.89
N VAL A 223 34.57 -24.38 -23.15
CA VAL A 223 35.22 -25.66 -23.41
C VAL A 223 36.65 -25.57 -22.88
N ARG A 224 37.28 -24.41 -23.07
CA ARG A 224 38.64 -24.20 -22.61
C ARG A 224 38.76 -24.28 -21.09
N ASP A 225 37.81 -23.65 -20.39
CA ASP A 225 37.82 -23.61 -18.92
C ASP A 225 37.27 -24.84 -18.20
N HIS A 226 36.36 -25.61 -18.83
CA HIS A 226 35.75 -26.76 -18.14
C HIS A 226 36.00 -28.08 -18.85
N GLY A 227 36.18 -28.01 -20.16
CA GLY A 227 36.43 -29.21 -20.95
C GLY A 227 35.56 -30.43 -20.72
N ASP A 228 36.13 -31.47 -20.13
CA ASP A 228 35.36 -32.68 -19.90
C ASP A 228 34.49 -32.61 -18.65
N ASN A 229 34.35 -31.41 -18.09
CA ASN A 229 33.53 -31.23 -16.92
C ASN A 229 32.15 -30.70 -17.26
N VAL A 230 31.90 -30.49 -18.55
CA VAL A 230 30.61 -30.03 -19.05
C VAL A 230 30.25 -30.89 -20.25
N THR A 231 29.00 -31.33 -20.36
CA THR A 231 28.61 -32.19 -21.48
C THR A 231 28.14 -31.42 -22.71
N ASP A 232 28.11 -32.08 -23.88
CA ASP A 232 27.63 -31.39 -25.07
C ASP A 232 26.13 -31.11 -24.91
N GLU A 233 25.44 -31.98 -24.18
CA GLU A 233 24.01 -31.79 -23.97
C GLU A 233 23.83 -30.47 -23.21
N GLU A 234 24.68 -30.24 -22.21
CA GLU A 234 24.59 -29.02 -21.42
C GLU A 234 24.93 -27.80 -22.24
N LEU A 235 25.97 -27.92 -23.06
CA LEU A 235 26.39 -26.82 -23.90
C LEU A 235 25.29 -26.44 -24.88
N LYS A 236 24.63 -27.43 -25.49
CA LYS A 236 23.56 -27.12 -26.43
C LYS A 236 22.39 -26.50 -25.67
N GLY A 237 22.13 -27.00 -24.47
CA GLY A 237 21.03 -26.42 -23.70
C GLY A 237 21.39 -24.99 -23.33
N LEU A 238 22.66 -24.75 -23.01
CA LEU A 238 23.06 -23.39 -22.66
C LEU A 238 22.91 -22.48 -23.88
N CYS A 239 23.21 -23.00 -25.06
CA CYS A 239 23.07 -22.19 -26.29
C CYS A 239 21.64 -21.76 -26.44
N THR A 240 20.75 -22.72 -26.27
CA THR A 240 19.31 -22.48 -26.37
C THR A 240 18.83 -21.44 -25.34
N ALA A 241 19.30 -21.57 -24.09
CA ALA A 241 18.95 -20.64 -23.03
C ALA A 241 19.34 -19.21 -23.39
N LEU A 242 20.55 -19.03 -23.96
CA LEU A 242 21.01 -17.70 -24.37
C LEU A 242 20.22 -17.17 -25.54
N ILE A 243 19.87 -18.05 -26.48
CA ILE A 243 19.07 -17.59 -27.62
C ILE A 243 17.69 -17.17 -27.16
N LEU A 244 17.07 -17.98 -26.31
CA LEU A 244 15.73 -17.66 -25.79
C LEU A 244 15.80 -16.46 -24.86
N GLY A 245 16.87 -16.35 -24.08
CA GLY A 245 16.95 -15.21 -23.18
C GLY A 245 17.44 -13.89 -23.78
N GLY A 246 18.16 -13.94 -24.90
CA GLY A 246 18.70 -12.70 -25.41
C GLY A 246 18.28 -12.12 -26.73
N VAL A 247 17.71 -12.94 -27.61
CA VAL A 247 17.32 -12.42 -28.91
C VAL A 247 16.06 -11.55 -28.85
N GLU A 248 14.95 -12.12 -28.41
CA GLU A 248 13.69 -11.35 -28.37
C GLU A 248 13.68 -10.24 -27.34
N THR A 249 14.43 -10.42 -26.25
CA THR A 249 14.49 -9.37 -25.23
C THR A 249 15.18 -8.13 -25.78
N VAL A 250 16.34 -8.33 -26.42
CA VAL A 250 17.03 -7.20 -27.01
C VAL A 250 16.15 -6.59 -28.11
N ALA A 251 15.55 -7.42 -28.96
CA ALA A 251 14.74 -6.89 -30.04
C ALA A 251 13.53 -6.10 -29.48
N GLY A 252 12.95 -6.61 -28.39
CA GLY A 252 11.83 -5.98 -27.73
C GLY A 252 12.27 -4.68 -27.09
N MET A 253 13.44 -4.65 -26.43
CA MET A 253 13.89 -3.38 -25.87
C MET A 253 14.16 -2.35 -26.96
N ILE A 254 14.72 -2.76 -28.08
CA ILE A 254 14.97 -1.75 -29.11
C ILE A 254 13.65 -1.20 -29.66
N GLY A 255 12.73 -2.09 -30.06
CA GLY A 255 11.43 -1.66 -30.59
C GLY A 255 10.62 -0.83 -29.59
N PHE A 256 10.39 -1.37 -28.39
CA PHE A 256 9.61 -0.62 -27.38
C PHE A 256 10.35 0.63 -26.96
N GLY A 257 11.67 0.54 -26.89
CA GLY A 257 12.42 1.70 -26.46
C GLY A 257 12.27 2.85 -27.46
N VAL A 258 12.30 2.51 -28.75
CA VAL A 258 12.10 3.52 -29.78
C VAL A 258 10.69 4.12 -29.65
N LEU A 259 9.69 3.28 -29.50
CA LEU A 259 8.31 3.80 -29.34
C LEU A 259 8.20 4.70 -28.12
N ALA A 260 8.78 4.26 -27.02
CA ALA A 260 8.71 5.04 -25.80
C ALA A 260 9.45 6.38 -25.88
N LEU A 261 10.67 6.38 -26.45
CA LEU A 261 11.40 7.62 -26.61
C LEU A 261 10.67 8.56 -27.59
N LEU A 262 10.06 8.03 -28.66
CA LEU A 262 9.34 8.89 -29.60
C LEU A 262 8.10 9.53 -28.91
N ASP A 263 7.55 8.84 -27.92
CA ASP A 263 6.39 9.36 -27.21
C ASP A 263 6.78 10.31 -26.08
N ASN A 264 8.06 10.33 -25.70
CA ASN A 264 8.63 11.15 -24.60
C ASN A 264 9.95 11.72 -25.16
N PRO A 265 9.83 12.51 -26.24
CA PRO A 265 10.98 13.10 -26.93
C PRO A 265 11.97 13.87 -26.06
N GLY A 266 11.49 14.46 -24.98
CA GLY A 266 12.43 15.16 -24.13
C GLY A 266 13.48 14.20 -23.54
N GLN A 267 13.21 12.89 -23.54
CA GLN A 267 14.18 11.92 -23.00
C GLN A 267 15.32 11.61 -24.00
N ILE A 268 15.07 11.86 -25.27
CA ILE A 268 16.10 11.59 -26.27
C ILE A 268 17.37 12.37 -26.03
N GLU A 269 17.26 13.65 -25.68
CA GLU A 269 18.48 14.41 -25.42
C GLU A 269 19.29 13.89 -24.22
N LEU A 270 18.65 13.21 -23.28
CA LEU A 270 19.40 12.71 -22.14
C LEU A 270 20.36 11.60 -22.55
N LEU A 271 20.04 10.95 -23.66
CA LEU A 271 20.84 9.88 -24.21
C LEU A 271 22.23 10.40 -24.62
N PHE A 272 22.30 11.70 -24.95
CA PHE A 272 23.53 12.33 -25.42
C PHE A 272 24.16 13.32 -24.42
N GLU A 273 23.53 13.47 -23.28
CA GLU A 273 24.02 14.39 -22.24
C GLU A 273 25.38 13.98 -21.70
N SER A 274 25.54 12.69 -21.37
CA SER A 274 26.80 12.18 -20.83
C SER A 274 26.72 10.66 -20.79
N PRO A 275 27.87 9.97 -20.63
CA PRO A 275 27.86 8.50 -20.58
C PRO A 275 27.00 8.03 -19.40
N GLU A 276 27.11 8.75 -18.28
CA GLU A 276 26.34 8.44 -17.07
C GLU A 276 24.84 8.63 -17.28
N LYS A 277 24.44 9.75 -17.90
CA LYS A 277 23.02 9.95 -18.13
C LYS A 277 22.49 8.93 -19.18
N ALA A 278 23.27 8.60 -20.21
CA ALA A 278 22.83 7.61 -21.20
C ALA A 278 22.56 6.24 -20.54
N GLU A 279 23.40 5.85 -19.60
CA GLU A 279 23.19 4.58 -18.90
C GLU A 279 21.85 4.67 -18.10
N ARG A 280 21.55 5.84 -17.53
CA ARG A 280 20.29 5.99 -16.78
C ARG A 280 19.09 5.92 -17.71
N VAL A 281 19.20 6.44 -18.94
CA VAL A 281 18.09 6.35 -19.88
C VAL A 281 17.84 4.88 -20.18
N VAL A 282 18.90 4.14 -20.46
CA VAL A 282 18.72 2.71 -20.75
C VAL A 282 18.09 1.97 -19.57
N ASN A 283 18.55 2.21 -18.34
CA ASN A 283 17.95 1.50 -17.19
C ASN A 283 16.52 1.91 -16.92
N GLU A 284 16.21 3.18 -17.19
CA GLU A 284 14.84 3.67 -16.98
C GLU A 284 13.93 3.02 -18.03
N LEU A 285 14.42 2.87 -19.25
CA LEU A 285 13.59 2.20 -20.28
C LEU A 285 13.32 0.74 -19.89
N VAL A 286 14.34 0.04 -19.40
CA VAL A 286 14.14 -1.34 -18.95
C VAL A 286 13.11 -1.35 -17.81
N ARG A 287 13.18 -0.43 -16.87
CA ARG A 287 12.18 -0.45 -15.78
C ARG A 287 10.77 -0.20 -16.33
N TYR A 288 10.64 0.86 -17.09
CA TYR A 288 9.34 1.28 -17.64
C TYR A 288 8.72 0.27 -18.59
N LEU A 289 9.57 -0.36 -19.41
CA LEU A 289 9.09 -1.30 -20.41
C LEU A 289 9.01 -2.76 -20.01
N SER A 290 9.95 -3.23 -19.21
CA SER A 290 9.97 -4.65 -18.74
C SER A 290 9.40 -5.67 -19.76
N PRO A 291 10.09 -5.87 -20.89
CA PRO A 291 9.63 -6.82 -21.93
C PRO A 291 9.50 -8.26 -21.44
N VAL A 292 10.29 -8.64 -20.43
CA VAL A 292 10.12 -9.94 -19.80
C VAL A 292 9.11 -9.57 -18.71
N GLN A 293 7.85 -9.52 -19.10
CA GLN A 293 6.80 -9.08 -18.21
C GLN A 293 6.55 -10.09 -17.12
N ALA A 294 6.58 -11.36 -17.48
CA ALA A 294 6.38 -12.40 -16.49
C ALA A 294 7.34 -13.56 -16.76
N PRO A 295 8.36 -13.70 -15.91
CA PRO A 295 9.35 -14.78 -16.06
C PRO A 295 8.73 -16.14 -15.67
N ASN A 296 9.57 -17.15 -15.58
CA ASN A 296 9.11 -18.48 -15.21
C ASN A 296 8.30 -18.45 -13.94
N PRO A 297 7.14 -19.13 -13.94
CA PRO A 297 6.28 -19.21 -12.77
C PRO A 297 7.08 -19.84 -11.62
N ARG A 298 6.85 -19.39 -10.39
CA ARG A 298 7.55 -19.97 -9.26
C ARG A 298 6.64 -20.99 -8.59
N LEU A 299 7.12 -22.21 -8.47
CA LEU A 299 6.35 -23.29 -7.81
C LEU A 299 6.83 -23.43 -6.35
N ALA A 300 5.89 -23.26 -5.42
CA ALA A 300 6.20 -23.41 -4.01
C ALA A 300 6.53 -24.88 -3.67
N ILE A 301 7.66 -25.09 -3.00
CA ILE A 301 8.07 -26.43 -2.55
C ILE A 301 7.99 -26.53 -1.02
N LYS A 302 7.76 -25.41 -0.35
CA LYS A 302 7.62 -25.35 1.12
C LYS A 302 6.60 -24.27 1.40
N ASP A 303 5.68 -24.48 2.34
CA ASP A 303 4.70 -23.47 2.70
C ASP A 303 5.42 -22.18 3.18
N VAL A 304 4.94 -21.01 2.76
CA VAL A 304 5.55 -19.77 3.20
C VAL A 304 4.54 -18.61 3.31
N VAL A 305 4.69 -17.82 4.36
CA VAL A 305 3.84 -16.67 4.57
C VAL A 305 4.47 -15.48 3.89
N ILE A 306 3.71 -14.86 2.98
CA ILE A 306 4.18 -13.67 2.31
C ILE A 306 3.09 -12.61 2.30
N ASP A 307 3.44 -11.46 2.86
CA ASP A 307 2.54 -10.32 2.95
C ASP A 307 1.12 -10.72 3.39
N GLY A 308 1.00 -11.44 4.51
CA GLY A 308 -0.31 -11.85 5.00
C GLY A 308 -1.04 -12.99 4.30
N GLN A 309 -0.39 -13.62 3.33
CA GLN A 309 -1.00 -14.72 2.62
C GLN A 309 -0.18 -15.97 2.86
N LEU A 310 -0.84 -17.12 2.90
CA LEU A 310 -0.10 -18.36 3.08
C LEU A 310 -0.03 -19.01 1.70
N ILE A 311 1.19 -19.09 1.15
CA ILE A 311 1.38 -19.73 -0.15
C ILE A 311 1.76 -21.19 0.18
N LYS A 312 0.97 -22.11 -0.30
CA LYS A 312 1.16 -23.51 0.01
C LYS A 312 2.04 -24.26 -0.95
N ALA A 313 2.87 -25.19 -0.43
CA ALA A 313 3.70 -26.01 -1.29
C ALA A 313 2.78 -26.60 -2.35
N GLY A 314 3.17 -26.54 -3.62
CA GLY A 314 2.33 -27.03 -4.70
C GLY A 314 1.64 -25.89 -5.47
N ASP A 315 1.53 -24.73 -4.84
CA ASP A 315 0.92 -23.57 -5.48
C ASP A 315 1.94 -22.94 -6.43
N TYR A 316 1.45 -22.35 -7.51
CA TYR A 316 2.31 -21.61 -8.43
C TYR A 316 2.11 -20.11 -8.17
N VAL A 317 3.16 -19.31 -8.38
CA VAL A 317 3.07 -17.86 -8.23
C VAL A 317 3.63 -17.22 -9.52
N LEU A 318 2.82 -16.42 -10.19
CA LEU A 318 3.28 -15.72 -11.37
C LEU A 318 3.80 -14.39 -10.85
N CYS A 319 5.00 -14.00 -11.26
CA CYS A 319 5.54 -12.71 -10.79
C CYS A 319 5.47 -11.71 -11.92
N SER A 320 4.72 -10.62 -11.74
CA SER A 320 4.67 -9.60 -12.81
C SER A 320 5.77 -8.52 -12.64
N ILE A 321 6.85 -8.65 -13.40
CA ILE A 321 7.97 -7.71 -13.35
C ILE A 321 7.45 -6.36 -13.85
N LEU A 322 6.65 -6.39 -14.93
CA LEU A 322 6.09 -5.16 -15.49
C LEU A 322 5.28 -4.35 -14.46
N MET A 323 4.29 -4.99 -13.81
CA MET A 323 3.49 -4.30 -12.80
C MET A 323 4.31 -3.95 -11.54
N ALA A 324 5.21 -4.82 -11.12
CA ALA A 324 6.10 -4.48 -9.98
C ALA A 324 6.88 -3.19 -10.24
N ASN A 325 7.35 -3.00 -11.48
CA ASN A 325 8.15 -1.81 -11.80
C ASN A 325 7.32 -0.53 -11.97
N ARG A 326 5.99 -0.67 -11.91
CA ARG A 326 5.09 0.49 -12.00
C ARG A 326 4.54 0.83 -10.59
N ASP A 327 5.09 0.20 -9.58
CA ASP A 327 4.59 0.44 -8.22
C ASP A 327 5.08 1.76 -7.62
N GLU A 328 4.15 2.51 -7.08
CA GLU A 328 4.52 3.73 -6.38
C GLU A 328 5.49 3.40 -5.21
N ALA A 329 5.50 2.14 -4.76
CA ALA A 329 6.39 1.75 -3.69
C ALA A 329 7.86 1.84 -4.14
N LEU A 330 8.07 1.70 -5.43
CA LEU A 330 9.43 1.72 -6.00
C LEU A 330 9.96 3.12 -6.29
N THR A 331 9.10 3.94 -6.87
CA THR A 331 9.52 5.25 -7.28
C THR A 331 8.28 6.13 -7.52
N PRO A 332 8.40 7.45 -7.28
CA PRO A 332 7.31 8.44 -7.47
C PRO A 332 7.01 8.56 -8.95
N ASP A 333 5.73 8.72 -9.33
CA ASP A 333 5.35 8.84 -10.74
C ASP A 333 5.98 7.73 -11.55
N PRO A 334 5.73 6.49 -11.13
CA PRO A 334 6.30 5.33 -11.83
C PRO A 334 5.80 5.09 -13.25
N ASP A 335 4.66 5.69 -13.61
CA ASP A 335 4.10 5.51 -14.94
C ASP A 335 4.54 6.56 -15.96
N VAL A 336 5.51 7.38 -15.57
CA VAL A 336 6.09 8.38 -16.45
C VAL A 336 7.50 7.85 -16.79
N LEU A 337 7.94 8.08 -18.03
CA LEU A 337 9.29 7.67 -18.43
C LEU A 337 10.17 8.87 -18.04
N ASP A 338 11.08 8.71 -17.08
CA ASP A 338 11.90 9.86 -16.68
C ASP A 338 13.26 9.43 -16.20
N ALA A 339 14.26 9.51 -17.07
CA ALA A 339 15.58 9.05 -16.67
C ALA A 339 16.21 9.94 -15.61
N ASN A 340 15.61 11.10 -15.34
CA ASN A 340 16.14 12.00 -14.33
C ASN A 340 15.70 11.62 -12.89
N ARG A 341 14.83 10.62 -12.77
CA ARG A 341 14.41 10.16 -11.42
C ARG A 341 15.64 9.56 -10.73
N ALA A 342 15.62 9.50 -9.40
CA ALA A 342 16.72 8.90 -8.66
C ALA A 342 16.72 7.43 -9.04
N ALA A 343 17.91 6.87 -9.31
CA ALA A 343 18.03 5.46 -9.68
C ALA A 343 17.47 4.57 -8.56
N VAL A 344 16.79 3.49 -8.92
CA VAL A 344 16.21 2.60 -7.91
C VAL A 344 16.49 1.15 -8.30
N SER A 345 16.22 0.24 -7.37
CA SER A 345 16.47 -1.18 -7.63
C SER A 345 15.27 -1.85 -8.29
N ASP A 346 15.00 -1.50 -9.54
CA ASP A 346 13.87 -2.11 -10.24
C ASP A 346 14.17 -3.62 -10.48
N VAL A 347 13.15 -4.35 -10.90
CA VAL A 347 13.33 -5.79 -11.14
C VAL A 347 13.24 -6.15 -12.64
N GLY A 348 13.53 -5.18 -13.49
CA GLY A 348 13.50 -5.42 -14.93
C GLY A 348 14.39 -6.56 -15.43
N PHE A 349 15.56 -6.72 -14.79
CA PHE A 349 16.50 -7.82 -15.10
C PHE A 349 16.37 -8.95 -14.09
N GLY A 350 15.30 -8.91 -13.30
CA GLY A 350 15.11 -9.94 -12.27
C GLY A 350 15.74 -9.58 -10.94
N HIS A 351 15.91 -10.60 -10.10
CA HIS A 351 16.49 -10.41 -8.76
C HIS A 351 16.84 -11.79 -8.16
N GLY A 352 18.04 -11.90 -7.60
CA GLY A 352 18.43 -13.15 -6.96
C GLY A 352 19.34 -13.99 -7.82
N ILE A 353 19.34 -15.32 -7.62
CA ILE A 353 20.24 -16.17 -8.38
C ILE A 353 20.03 -16.16 -9.90
N HIS A 354 18.80 -15.94 -10.37
CA HIS A 354 18.55 -15.93 -11.80
C HIS A 354 18.67 -14.53 -12.43
N TYR A 355 19.13 -13.54 -11.65
CA TYR A 355 19.32 -12.17 -12.19
C TYR A 355 19.98 -12.26 -13.59
N CYS A 356 19.42 -11.55 -14.57
CA CYS A 356 19.90 -11.63 -15.96
C CYS A 356 21.42 -11.73 -16.11
N VAL A 357 21.90 -12.83 -16.69
CA VAL A 357 23.34 -13.00 -16.89
C VAL A 357 23.80 -12.08 -18.01
N GLY A 358 22.84 -11.67 -18.84
CA GLY A 358 23.16 -10.80 -19.97
C GLY A 358 22.93 -9.30 -19.76
N ALA A 359 22.64 -8.87 -18.54
CA ALA A 359 22.36 -7.47 -18.24
C ALA A 359 23.38 -6.46 -18.70
N ALA A 360 24.67 -6.72 -18.42
CA ALA A 360 25.71 -5.79 -18.85
C ALA A 360 25.80 -5.69 -20.37
N LEU A 361 25.65 -6.82 -21.05
CA LEU A 361 25.69 -6.81 -22.51
C LEU A 361 24.47 -6.04 -23.06
N ALA A 362 23.30 -6.34 -22.49
CA ALA A 362 22.09 -5.64 -22.97
C ALA A 362 22.23 -4.15 -22.78
N ARG A 363 22.70 -3.72 -21.61
CA ARG A 363 22.83 -2.29 -21.39
C ARG A 363 23.77 -1.66 -22.44
N SER A 364 24.86 -2.32 -22.73
CA SER A 364 25.82 -1.79 -23.69
C SER A 364 25.25 -1.72 -25.10
N MET A 365 24.64 -2.82 -25.56
CA MET A 365 24.07 -2.87 -26.90
C MET A 365 22.93 -1.89 -27.09
N LEU A 366 22.07 -1.77 -26.06
CA LEU A 366 20.96 -0.84 -26.14
C LEU A 366 21.46 0.62 -26.21
N ARG A 367 22.48 0.98 -25.41
CA ARG A 367 23.00 2.35 -25.47
C ARG A 367 23.50 2.64 -26.89
N MET A 368 24.28 1.73 -27.46
CA MET A 368 24.77 1.93 -28.80
C MET A 368 23.64 1.95 -29.84
N ALA A 369 22.68 1.04 -29.73
CA ALA A 369 21.58 1.02 -30.69
C ALA A 369 20.83 2.36 -30.70
N TYR A 370 20.37 2.83 -29.53
CA TYR A 370 19.64 4.10 -29.48
C TYR A 370 20.49 5.31 -29.89
N GLN A 371 21.73 5.40 -29.40
CA GLN A 371 22.54 6.56 -29.75
C GLN A 371 22.86 6.66 -31.24
N THR A 372 23.25 5.53 -31.83
CA THR A 372 23.57 5.51 -33.26
C THR A 372 22.29 5.79 -34.06
N LEU A 373 21.17 5.21 -33.63
CA LEU A 373 19.91 5.47 -34.33
C LEU A 373 19.56 6.98 -34.39
N TRP A 374 19.57 7.70 -33.26
CA TRP A 374 19.25 9.12 -33.31
C TRP A 374 20.35 10.02 -33.89
N ARG A 375 21.60 9.57 -33.84
CA ARG A 375 22.68 10.34 -34.48
C ARG A 375 22.43 10.29 -36.00
N ARG A 376 22.05 9.13 -36.52
CA ARG A 376 21.80 9.02 -37.95
C ARG A 376 20.44 9.48 -38.48
N PHE A 377 19.40 9.39 -37.65
CA PHE A 377 18.05 9.79 -38.05
C PHE A 377 17.54 10.70 -36.95
N PRO A 378 18.15 11.89 -36.82
CA PRO A 378 17.69 12.76 -35.74
C PRO A 378 16.21 13.11 -35.81
N GLY A 379 15.62 13.06 -37.00
CA GLY A 379 14.21 13.42 -37.12
C GLY A 379 13.29 12.22 -37.11
N LEU A 380 13.77 11.10 -36.56
CA LEU A 380 13.01 9.88 -36.49
C LEU A 380 11.60 10.18 -35.98
N ARG A 381 10.61 9.57 -36.61
CA ARG A 381 9.20 9.80 -36.25
C ARG A 381 8.39 8.56 -36.60
N LEU A 382 7.45 8.16 -35.73
CA LEU A 382 6.66 6.97 -36.03
C LEU A 382 5.81 7.27 -37.28
N ALA A 383 5.73 6.33 -38.21
CA ALA A 383 4.99 6.59 -39.43
C ALA A 383 3.53 6.18 -39.38
N VAL A 384 3.07 5.65 -38.26
CA VAL A 384 1.65 5.28 -38.19
C VAL A 384 1.09 5.78 -36.87
N PRO A 385 -0.23 5.82 -36.76
CA PRO A 385 -0.85 6.27 -35.51
C PRO A 385 -0.41 5.28 -34.42
N ILE A 386 -0.14 5.78 -33.23
CA ILE A 386 0.31 4.91 -32.17
C ILE A 386 -0.64 3.71 -31.95
N GLU A 387 -1.95 3.91 -32.14
CA GLU A 387 -2.90 2.81 -31.94
C GLU A 387 -2.85 1.74 -33.03
N GLU A 388 -2.13 1.98 -34.11
CA GLU A 388 -2.07 0.96 -35.15
C GLU A 388 -0.94 -0.06 -34.93
N VAL A 389 -0.01 0.24 -34.02
CA VAL A 389 1.11 -0.67 -33.79
C VAL A 389 0.62 -1.92 -33.09
N LYS A 390 0.98 -3.08 -33.64
CA LYS A 390 0.59 -4.37 -33.06
C LYS A 390 1.73 -5.00 -32.29
N TYR A 391 1.40 -5.84 -31.31
CA TYR A 391 2.41 -6.49 -30.46
C TYR A 391 2.37 -8.03 -30.47
N ARG A 392 3.58 -8.61 -30.46
CA ARG A 392 3.73 -10.06 -30.48
C ARG A 392 3.24 -10.77 -29.24
N SER A 393 2.74 -11.99 -29.45
CA SER A 393 2.28 -12.83 -28.37
C SER A 393 3.35 -13.90 -28.23
N ALA A 394 4.13 -13.81 -27.16
CA ALA A 394 5.19 -14.77 -26.91
C ALA A 394 5.62 -14.60 -25.47
N PHE A 395 6.64 -15.35 -25.08
CA PHE A 395 7.19 -15.32 -23.72
C PHE A 395 7.79 -13.97 -23.38
N VAL A 396 8.28 -13.27 -24.40
CA VAL A 396 8.84 -11.93 -24.24
C VAL A 396 8.00 -10.97 -25.07
N ASP A 397 7.59 -9.84 -24.48
CA ASP A 397 6.78 -8.84 -25.19
C ASP A 397 7.64 -8.12 -26.22
N CYS A 398 7.06 -7.81 -27.36
CA CYS A 398 7.86 -7.14 -28.39
C CYS A 398 6.94 -6.65 -29.50
N PRO A 399 7.22 -5.45 -30.05
CA PRO A 399 6.40 -4.90 -31.14
C PRO A 399 6.53 -5.82 -32.36
N ASP A 400 5.46 -5.93 -33.14
CA ASP A 400 5.51 -6.75 -34.35
C ASP A 400 6.12 -6.00 -35.54
N GLN A 401 5.70 -4.76 -35.76
CA GLN A 401 6.26 -3.90 -36.83
C GLN A 401 6.22 -2.48 -36.27
N VAL A 402 7.26 -1.71 -36.55
CA VAL A 402 7.38 -0.34 -36.09
C VAL A 402 7.82 0.51 -37.29
N PRO A 403 6.86 0.89 -38.14
CA PRO A 403 7.15 1.70 -39.33
C PRO A 403 7.62 3.10 -38.90
N VAL A 404 8.70 3.59 -39.51
CA VAL A 404 9.21 4.90 -39.15
C VAL A 404 9.54 5.74 -40.38
N THR A 405 9.68 7.04 -40.17
CA THR A 405 10.12 7.95 -41.21
C THR A 405 11.05 8.92 -40.49
N TRP A 406 11.61 9.88 -41.23
CA TRP A 406 12.56 10.81 -40.65
C TRP A 406 12.85 12.01 -41.53
N GLY B 2 -18.62 41.17 28.45
CA GLY B 2 -18.40 42.21 29.42
C GLY B 2 -16.97 42.75 29.37
N HIS B 3 -16.78 44.00 29.79
CA HIS B 3 -15.45 44.57 29.77
C HIS B 3 -14.80 45.02 31.07
N ASP B 4 -14.53 44.07 31.90
CA ASP B 4 -13.80 44.26 33.13
C ASP B 4 -12.58 43.43 32.91
N ILE B 5 -11.55 44.10 32.38
CA ILE B 5 -10.28 43.50 31.99
C ILE B 5 -9.25 43.40 33.11
N ASP B 6 -8.54 42.26 33.17
CA ASP B 6 -7.52 42.08 34.21
C ASP B 6 -6.15 42.18 33.54
N GLN B 7 -5.08 41.99 34.28
CA GLN B 7 -3.75 41.99 33.68
C GLN B 7 -3.86 40.79 32.75
N VAL B 8 -3.00 40.73 31.74
CA VAL B 8 -3.03 39.63 30.79
C VAL B 8 -2.60 38.35 31.52
N ALA B 9 -3.28 37.26 31.20
CA ALA B 9 -2.96 35.98 31.81
C ALA B 9 -1.49 35.71 31.59
N PRO B 10 -0.80 35.23 32.62
CA PRO B 10 0.63 34.94 32.53
C PRO B 10 0.99 33.94 31.43
N LEU B 11 2.16 34.16 30.85
CA LEU B 11 2.68 33.27 29.83
C LEU B 11 3.37 32.19 30.64
N LEU B 12 2.90 30.94 30.56
CA LEU B 12 3.53 29.85 31.30
C LEU B 12 4.11 28.84 30.33
N ARG B 13 5.21 28.21 30.71
CA ARG B 13 5.84 27.21 29.85
C ARG B 13 4.97 25.95 29.96
N GLU B 14 4.68 25.32 28.84
CA GLU B 14 3.90 24.08 28.84
C GLU B 14 4.57 23.04 29.75
N PRO B 15 3.84 22.54 30.76
CA PRO B 15 4.40 21.55 31.68
C PRO B 15 4.92 20.32 30.96
N ALA B 16 5.78 19.59 31.65
CA ALA B 16 6.39 18.37 31.13
C ALA B 16 5.31 17.36 30.72
N ASN B 17 4.39 17.11 31.64
CA ASN B 17 3.33 16.15 31.44
C ASN B 17 2.01 16.78 31.08
N PHE B 18 2.06 17.82 30.27
CA PHE B 18 0.88 18.53 29.81
C PHE B 18 0.03 17.53 29.00
N GLN B 19 -1.27 17.45 29.30
CA GLN B 19 -2.19 16.56 28.60
C GLN B 19 -1.93 15.06 28.78
N LEU B 20 -1.01 14.71 29.68
CA LEU B 20 -0.72 13.31 29.95
C LEU B 20 -1.39 12.92 31.25
N ARG B 21 -1.55 11.63 31.42
CA ARG B 21 -2.21 11.07 32.59
C ARG B 21 -1.32 10.27 33.53
N THR B 22 -1.87 10.01 34.69
CA THR B 22 -1.33 9.15 35.74
C THR B 22 -2.51 8.26 35.98
N ASN B 23 -2.42 7.01 35.48
CA ASN B 23 -3.53 6.07 35.60
C ASN B 23 -4.75 6.72 34.90
N CYS B 24 -5.92 6.77 35.52
CA CYS B 24 -7.07 7.37 34.84
C CYS B 24 -7.14 8.92 34.90
N ASP B 25 -6.41 9.48 35.85
CA ASP B 25 -6.41 10.93 36.10
C ASP B 25 -5.41 11.81 35.37
N PRO B 26 -5.67 13.13 35.34
CA PRO B 26 -4.69 13.99 34.65
C PRO B 26 -3.43 13.91 35.51
N HIS B 27 -2.25 13.99 34.91
CA HIS B 27 -1.02 13.99 35.69
C HIS B 27 -1.04 15.27 36.56
N GLU B 28 -0.40 15.23 37.73
CA GLU B 28 -0.36 16.40 38.62
C GLU B 28 0.01 17.74 37.92
N ASP B 29 0.94 17.72 36.97
CA ASP B 29 1.33 18.95 36.23
C ASP B 29 0.13 19.72 35.69
N ASN B 30 -0.91 19.01 35.29
CA ASN B 30 -2.11 19.64 34.72
C ASN B 30 -2.90 20.38 35.79
N PHE B 31 -2.89 19.83 37.01
CA PHE B 31 -3.56 20.48 38.12
C PHE B 31 -2.76 21.71 38.57
N GLY B 32 -1.43 21.62 38.46
CA GLY B 32 -0.56 22.73 38.82
C GLY B 32 -0.83 23.89 37.90
N LEU B 33 -0.98 23.60 36.61
CA LEU B 33 -1.29 24.62 35.60
C LEU B 33 -2.65 25.27 35.88
N ARG B 34 -3.64 24.44 36.18
CA ARG B 34 -4.98 24.90 36.49
C ARG B 34 -4.97 25.83 37.71
N ALA B 35 -3.99 25.70 38.60
CA ALA B 35 -3.97 26.56 39.79
C ALA B 35 -3.69 28.03 39.45
N HIS B 36 -3.21 28.28 38.23
CA HIS B 36 -2.93 29.62 37.74
C HIS B 36 -4.18 30.34 37.20
N GLY B 37 -5.32 29.66 37.22
CA GLY B 37 -6.54 30.28 36.73
C GLY B 37 -7.26 29.47 35.66
N PRO B 38 -8.54 29.77 35.41
CA PRO B 38 -9.31 29.04 34.39
C PRO B 38 -8.89 29.22 32.94
N LEU B 39 -8.23 30.32 32.64
CA LEU B 39 -7.79 30.61 31.27
C LEU B 39 -6.32 31.06 31.35
N VAL B 40 -5.42 30.31 30.74
CA VAL B 40 -4.01 30.69 30.80
C VAL B 40 -3.38 30.69 29.44
N ARG B 41 -2.13 31.13 29.36
CA ARG B 41 -1.42 31.14 28.11
C ARG B 41 -0.23 30.22 28.29
N ILE B 42 0.07 29.42 27.29
CA ILE B 42 1.18 28.48 27.40
C ILE B 42 2.07 28.51 26.18
N VAL B 43 3.35 28.29 26.42
CA VAL B 43 4.30 28.29 25.34
C VAL B 43 5.06 26.99 25.41
N GLY B 44 5.13 26.32 24.27
CA GLY B 44 5.81 25.06 24.17
C GLY B 44 5.44 24.32 22.89
N GLU B 45 5.53 23.00 22.94
CA GLU B 45 5.20 22.18 21.78
C GLU B 45 3.81 22.48 21.19
N SER B 46 2.78 22.68 22.02
CA SER B 46 1.45 22.96 21.46
C SER B 46 1.43 24.26 20.66
N SER B 47 2.06 25.31 21.18
CA SER B 47 2.10 26.56 20.44
C SER B 47 2.95 26.41 19.18
N THR B 48 4.06 25.67 19.27
CA THR B 48 4.89 25.52 18.07
C THR B 48 4.19 24.70 16.98
N GLN B 49 3.47 23.64 17.33
CA GLN B 49 2.79 22.87 16.29
C GLN B 49 1.72 23.71 15.58
N LEU B 50 1.09 24.63 16.30
CA LEU B 50 0.06 25.47 15.69
C LEU B 50 0.57 26.78 15.04
N GLY B 51 1.89 26.97 15.00
CA GLY B 51 2.47 28.16 14.38
C GLY B 51 2.19 29.48 15.08
N ARG B 52 2.35 29.50 16.41
CA ARG B 52 2.07 30.70 17.19
C ARG B 52 3.12 30.84 18.27
N ASP B 53 3.17 32.04 18.86
CA ASP B 53 4.12 32.34 19.92
C ASP B 53 3.59 31.75 21.21
N PHE B 54 2.27 31.59 21.28
CA PHE B 54 1.67 31.01 22.47
C PHE B 54 0.26 30.58 22.06
N VAL B 55 -0.42 29.85 22.95
CA VAL B 55 -1.81 29.52 22.68
C VAL B 55 -2.50 29.62 24.02
N TRP B 56 -3.79 29.89 24.00
CA TRP B 56 -4.57 29.95 25.22
C TRP B 56 -4.94 28.52 25.59
N GLN B 57 -5.17 28.30 26.89
CA GLN B 57 -5.63 27.00 27.37
C GLN B 57 -6.78 27.31 28.31
N ALA B 58 -7.97 26.86 27.93
CA ALA B 58 -9.14 27.04 28.74
C ALA B 58 -9.31 25.71 29.48
N HIS B 59 -9.31 25.73 30.82
CA HIS B 59 -9.44 24.48 31.53
C HIS B 59 -10.37 24.50 32.74
N GLY B 60 -11.09 25.61 32.93
CA GLY B 60 -12.06 25.69 34.02
C GLY B 60 -13.38 25.27 33.36
N TYR B 61 -14.31 24.70 34.10
CA TYR B 61 -15.57 24.25 33.49
C TYR B 61 -16.31 25.33 32.70
N GLU B 62 -16.59 26.47 33.33
CA GLU B 62 -17.34 27.54 32.67
C GLU B 62 -16.75 28.05 31.38
N VAL B 63 -15.45 28.35 31.39
CA VAL B 63 -14.82 28.88 30.22
C VAL B 63 -14.76 27.84 29.08
N VAL B 64 -14.51 26.59 29.42
CA VAL B 64 -14.46 25.56 28.38
C VAL B 64 -15.86 25.37 27.75
N ARG B 65 -16.88 25.31 28.60
CA ARG B 65 -18.23 25.13 28.10
C ARG B 65 -18.59 26.28 27.18
N ARG B 66 -18.19 27.50 27.57
CA ARG B 66 -18.53 28.66 26.77
C ARG B 66 -17.81 28.71 25.43
N ILE B 67 -16.51 28.41 25.42
CA ILE B 67 -15.76 28.44 24.17
C ILE B 67 -16.15 27.32 23.19
N LEU B 68 -16.38 26.11 23.70
CA LEU B 68 -16.77 24.99 22.82
C LEU B 68 -18.08 25.33 22.09
N GLY B 69 -18.98 26.01 22.78
CA GLY B 69 -20.26 26.35 22.19
C GLY B 69 -20.28 27.65 21.38
N ASP B 70 -19.20 28.41 21.37
CA ASP B 70 -19.15 29.70 20.66
C ASP B 70 -18.72 29.57 19.19
N HIS B 71 -19.68 29.52 18.28
CA HIS B 71 -19.33 29.45 16.87
C HIS B 71 -19.41 30.84 16.24
N GLU B 72 -19.63 31.86 17.07
CA GLU B 72 -19.66 33.25 16.57
C GLU B 72 -18.24 33.80 16.44
N HIS B 73 -17.43 33.58 17.48
CA HIS B 73 -16.06 34.08 17.48
C HIS B 73 -14.98 33.09 17.15
N PHE B 74 -15.33 31.82 16.96
CA PHE B 74 -14.31 30.79 16.69
C PHE B 74 -14.64 29.87 15.54
N THR B 75 -13.58 29.37 14.89
CA THR B 75 -13.73 28.41 13.80
C THR B 75 -12.92 27.16 14.12
N THR B 76 -13.23 26.05 13.43
CA THR B 76 -12.45 24.82 13.59
C THR B 76 -11.98 24.39 12.20
N ARG B 77 -12.11 25.29 11.24
CA ARG B 77 -11.64 25.00 9.89
C ARG B 77 -10.11 24.98 10.00
N PRO B 78 -9.47 23.94 9.47
CA PRO B 78 -8.00 23.78 9.50
C PRO B 78 -7.19 24.80 8.69
N ALA B 91 -7.98 20.37 1.64
CA ALA B 91 -8.99 19.86 0.71
C ALA B 91 -9.38 18.42 1.00
N GLN B 92 -8.58 17.75 1.81
CA GLN B 92 -8.86 16.38 2.19
C GLN B 92 -9.70 16.38 3.49
N PHE B 93 -10.30 17.53 3.77
CA PHE B 93 -11.14 17.69 4.96
C PHE B 93 -12.60 17.78 4.55
N VAL B 94 -12.88 17.51 3.28
CA VAL B 94 -14.27 17.58 2.83
C VAL B 94 -15.06 16.47 3.57
N GLY B 95 -16.20 16.83 4.13
CA GLY B 95 -17.00 15.85 4.84
C GLY B 95 -16.64 15.70 6.31
N GLN B 96 -15.48 16.24 6.69
CA GLN B 96 -14.98 16.17 8.06
C GLN B 96 -15.77 17.17 8.89
N ILE B 97 -17.01 16.80 9.19
CA ILE B 97 -17.95 17.64 9.90
C ILE B 97 -17.47 18.43 11.13
N SER B 98 -16.57 17.86 11.93
CA SER B 98 -16.13 18.59 13.13
C SER B 98 -15.34 19.84 12.79
N THR B 99 -14.85 19.92 11.55
CA THR B 99 -14.07 21.08 11.13
C THR B 99 -14.85 22.12 10.32
N TYR B 100 -16.16 21.93 10.24
CA TYR B 100 -17.05 22.84 9.52
C TYR B 100 -17.72 23.82 10.47
N ASP B 101 -18.02 25.03 9.98
CA ASP B 101 -18.74 26.06 10.74
C ASP B 101 -20.12 26.25 10.08
N PRO B 102 -21.08 26.85 10.78
CA PRO B 102 -22.39 27.03 10.13
C PRO B 102 -22.11 28.07 9.03
N PRO B 103 -22.88 28.06 7.93
CA PRO B 103 -23.99 27.15 7.62
C PRO B 103 -23.58 25.80 7.03
N GLU B 104 -22.36 25.65 6.54
CA GLU B 104 -21.95 24.37 5.96
C GLU B 104 -22.05 23.20 6.96
N HIS B 105 -21.70 23.46 8.21
CA HIS B 105 -21.77 22.43 9.24
C HIS B 105 -23.21 21.99 9.42
N THR B 106 -24.13 22.95 9.40
CA THR B 106 -25.53 22.61 9.61
C THR B 106 -26.03 21.60 8.59
N ARG B 107 -25.64 21.77 7.33
CA ARG B 107 -26.07 20.86 6.28
C ARG B 107 -25.55 19.43 6.51
N LEU B 108 -24.27 19.29 6.87
CA LEU B 108 -23.74 17.96 7.11
C LEU B 108 -24.35 17.32 8.35
N ARG B 109 -24.51 18.14 9.38
CA ARG B 109 -25.07 17.64 10.62
C ARG B 109 -26.50 17.10 10.45
N LYS B 110 -27.34 17.81 9.68
CA LYS B 110 -28.72 17.34 9.46
C LYS B 110 -28.76 16.05 8.65
N MET B 111 -27.72 15.81 7.86
CA MET B 111 -27.63 14.55 7.10
C MET B 111 -27.37 13.35 8.03
N LEU B 112 -26.68 13.60 9.14
CA LEU B 112 -26.30 12.56 10.10
C LEU B 112 -27.33 12.27 11.18
N THR B 113 -28.01 13.30 11.65
CA THR B 113 -29.01 13.21 12.70
C THR B 113 -30.01 12.04 12.62
N PRO B 114 -30.68 11.85 11.47
CA PRO B 114 -31.66 10.77 11.30
C PRO B 114 -31.11 9.37 11.57
N GLU B 115 -29.81 9.19 11.38
CA GLU B 115 -29.23 7.87 11.59
C GLU B 115 -28.78 7.56 13.03
N PHE B 116 -28.79 8.57 13.90
CA PHE B 116 -28.35 8.40 15.28
C PHE B 116 -29.41 8.57 16.37
N THR B 117 -30.68 8.58 15.97
CA THR B 117 -31.76 8.72 16.95
C THR B 117 -31.80 7.51 17.87
N VAL B 118 -32.36 7.70 19.07
CA VAL B 118 -32.47 6.59 20.00
C VAL B 118 -33.39 5.52 19.39
N ARG B 119 -34.37 5.96 18.61
CA ARG B 119 -35.25 5.01 17.97
C ARG B 119 -34.43 4.05 17.10
N ARG B 120 -33.51 4.57 16.31
CA ARG B 120 -32.69 3.69 15.47
C ARG B 120 -31.70 2.88 16.34
N ILE B 121 -31.13 3.51 17.35
CA ILE B 121 -30.19 2.84 18.23
C ILE B 121 -30.86 1.66 18.94
N ARG B 122 -32.11 1.83 19.36
CA ARG B 122 -32.79 0.73 20.00
C ARG B 122 -32.85 -0.47 19.07
N ARG B 123 -32.99 -0.20 17.78
CA ARG B 123 -33.07 -1.29 16.80
C ARG B 123 -31.73 -2.02 16.61
N MET B 124 -30.63 -1.34 16.91
CA MET B 124 -29.29 -1.92 16.77
C MET B 124 -28.89 -2.70 18.03
N GLU B 125 -29.62 -2.53 19.12
CA GLU B 125 -29.26 -3.19 20.37
C GLU B 125 -29.04 -4.70 20.29
N PRO B 126 -29.90 -5.43 19.55
CA PRO B 126 -29.63 -6.88 19.51
C PRO B 126 -28.28 -7.21 18.88
N ALA B 127 -27.95 -6.54 17.78
CA ALA B 127 -26.67 -6.78 17.10
C ALA B 127 -25.49 -6.37 18.00
N ILE B 128 -25.65 -5.27 18.74
CA ILE B 128 -24.60 -4.81 19.65
C ILE B 128 -24.38 -5.86 20.75
N GLN B 129 -25.49 -6.33 21.32
CA GLN B 129 -25.41 -7.32 22.38
C GLN B 129 -24.69 -8.60 21.92
N SER B 130 -24.97 -9.00 20.68
CA SER B 130 -24.38 -10.21 20.10
C SER B 130 -22.89 -10.03 19.87
N LEU B 131 -22.47 -8.84 19.42
CA LEU B 131 -21.05 -8.53 19.22
C LEU B 131 -20.37 -8.62 20.59
N ILE B 132 -20.97 -7.97 21.59
CA ILE B 132 -20.40 -7.98 22.94
C ILE B 132 -20.29 -9.41 23.50
N ASP B 133 -21.37 -10.20 23.38
CA ASP B 133 -21.36 -11.61 23.84
C ASP B 133 -20.20 -12.39 23.16
N ASP B 134 -20.09 -12.26 21.83
CA ASP B 134 -19.03 -12.94 21.10
C ASP B 134 -17.64 -12.55 21.60
N ARG B 135 -17.37 -11.25 21.72
CA ARG B 135 -16.04 -10.81 22.18
C ARG B 135 -15.76 -11.30 23.56
N LEU B 136 -16.76 -11.36 24.42
CA LEU B 136 -16.46 -11.87 25.77
C LEU B 136 -16.16 -13.39 25.76
N ASP B 137 -16.75 -14.12 24.80
CA ASP B 137 -16.48 -15.57 24.70
C ASP B 137 -15.00 -15.72 24.26
N LEU B 138 -14.54 -14.82 23.37
CA LEU B 138 -13.16 -14.87 22.92
C LEU B 138 -12.18 -14.45 24.02
N LEU B 139 -12.60 -13.52 24.88
CA LEU B 139 -11.73 -13.11 25.98
C LEU B 139 -11.56 -14.33 26.89
N GLU B 140 -12.67 -14.95 27.24
CA GLU B 140 -12.64 -16.15 28.09
C GLU B 140 -11.76 -17.24 27.48
N ALA B 141 -11.98 -17.54 26.19
CA ALA B 141 -11.19 -18.57 25.51
C ALA B 141 -9.69 -18.34 25.64
N GLU B 142 -9.27 -17.08 25.70
CA GLU B 142 -7.86 -16.74 25.83
C GLU B 142 -7.31 -17.02 27.24
N GLY B 143 -8.20 -17.02 28.24
CA GLY B 143 -7.78 -17.29 29.61
C GLY B 143 -7.03 -16.17 30.34
N PRO B 144 -6.61 -16.42 31.59
CA PRO B 144 -5.89 -15.46 32.43
C PRO B 144 -4.76 -14.70 31.72
N SER B 145 -4.72 -13.39 31.93
CA SER B 145 -3.74 -12.48 31.32
C SER B 145 -4.21 -12.04 29.94
N ALA B 146 -5.41 -12.43 29.56
CA ALA B 146 -5.98 -12.07 28.28
C ALA B 146 -6.03 -10.53 28.20
N ASP B 147 -5.72 -9.99 27.03
CA ASP B 147 -5.74 -8.54 26.85
C ASP B 147 -7.17 -8.08 26.57
N LEU B 148 -7.80 -7.49 27.58
CA LEU B 148 -9.16 -6.99 27.45
C LEU B 148 -9.25 -5.85 26.45
N GLN B 149 -8.20 -5.05 26.30
CA GLN B 149 -8.25 -3.92 25.35
C GLN B 149 -8.30 -4.48 23.90
N GLY B 150 -7.35 -5.34 23.57
CA GLY B 150 -7.31 -5.91 22.21
C GLY B 150 -8.40 -6.90 21.88
N LEU B 151 -8.85 -7.67 22.87
CA LEU B 151 -9.84 -8.72 22.64
C LEU B 151 -11.30 -8.32 22.81
N PHE B 152 -11.53 -7.20 23.51
CA PHE B 152 -12.90 -6.77 23.78
C PHE B 152 -13.16 -5.29 23.47
N ALA B 153 -12.45 -4.36 24.13
CA ALA B 153 -12.69 -2.94 23.90
C ALA B 153 -12.49 -2.46 22.42
N ASP B 154 -11.29 -2.71 21.87
CA ASP B 154 -10.95 -2.33 20.51
C ASP B 154 -11.94 -2.93 19.51
N PRO B 155 -12.19 -4.25 19.59
CA PRO B 155 -13.14 -4.86 18.64
C PRO B 155 -14.59 -4.41 18.78
N VAL B 156 -15.07 -4.17 20.00
CA VAL B 156 -16.45 -3.67 20.11
C VAL B 156 -16.53 -2.30 19.39
N GLY B 157 -15.56 -1.42 19.64
CA GLY B 157 -15.61 -0.13 18.98
C GLY B 157 -15.49 -0.22 17.45
N ALA B 158 -14.50 -0.98 16.97
CA ALA B 158 -14.31 -1.11 15.52
C ALA B 158 -15.48 -1.81 14.80
N HIS B 159 -15.96 -2.92 15.34
CA HIS B 159 -17.05 -3.64 14.68
C HIS B 159 -18.40 -2.96 14.78
N ALA B 160 -18.64 -2.20 15.86
CA ALA B 160 -19.90 -1.47 15.98
C ALA B 160 -19.91 -0.42 14.84
N LEU B 161 -18.80 0.29 14.65
CA LEU B 161 -18.78 1.30 13.60
C LEU B 161 -18.91 0.66 12.21
N CYS B 162 -18.27 -0.48 11.99
CA CYS B 162 -18.39 -1.14 10.70
C CYS B 162 -19.82 -1.52 10.38
N GLU B 163 -20.53 -2.07 11.36
CA GLU B 163 -21.90 -2.45 11.11
C GLU B 163 -22.78 -1.23 10.91
N LEU B 164 -22.44 -0.16 11.61
CA LEU B 164 -23.19 1.08 11.48
C LEU B 164 -23.04 1.54 10.02
N LEU B 165 -21.86 1.36 9.47
CA LEU B 165 -21.58 1.75 8.08
C LEU B 165 -21.91 0.65 7.06
N GLY B 166 -22.50 -0.44 7.50
CA GLY B 166 -22.86 -1.53 6.60
C GLY B 166 -21.69 -2.19 5.87
N ILE B 167 -20.53 -2.29 6.53
CA ILE B 167 -19.37 -2.92 5.91
C ILE B 167 -19.51 -4.45 6.04
N PRO B 168 -19.39 -5.19 4.92
CA PRO B 168 -19.52 -6.65 5.00
C PRO B 168 -18.60 -7.24 6.07
N ARG B 169 -19.08 -8.23 6.80
CA ARG B 169 -18.27 -8.80 7.87
C ARG B 169 -16.83 -9.15 7.45
N ASP B 170 -16.66 -9.73 6.26
CA ASP B 170 -15.31 -10.11 5.79
C ASP B 170 -14.43 -8.87 5.57
N ASP B 171 -15.03 -7.80 5.05
CA ASP B 171 -14.28 -6.58 4.80
C ASP B 171 -13.90 -5.80 6.05
N GLN B 172 -14.48 -6.17 7.20
CA GLN B 172 -14.20 -5.47 8.44
C GLN B 172 -12.80 -5.81 8.95
N ARG B 173 -12.28 -6.97 8.54
CA ARG B 173 -10.94 -7.34 8.94
C ARG B 173 -9.98 -6.29 8.42
N GLU B 174 -9.78 -6.26 7.11
CA GLU B 174 -8.87 -5.27 6.51
C GLU B 174 -9.39 -3.85 6.69
N PHE B 175 -10.71 -3.66 6.71
CA PHE B 175 -11.26 -2.30 6.85
C PHE B 175 -10.79 -1.73 8.18
N VAL B 176 -10.70 -2.62 9.17
CA VAL B 176 -10.24 -2.24 10.50
C VAL B 176 -8.73 -2.14 10.42
N ARG B 177 -8.10 -3.08 9.71
CA ARG B 177 -6.65 -3.09 9.54
C ARG B 177 -6.18 -1.72 9.05
N ARG B 178 -6.81 -1.22 7.99
CA ARG B 178 -6.50 0.09 7.42
C ARG B 178 -6.63 1.16 8.47
N ILE B 179 -7.77 1.14 9.15
CA ILE B 179 -8.05 2.11 10.20
C ILE B 179 -6.89 2.15 11.19
N ARG B 180 -6.55 0.99 11.71
CA ARG B 180 -5.49 0.82 12.69
C ARG B 180 -4.09 1.22 12.25
N ARG B 181 -3.72 0.95 11.00
CA ARG B 181 -2.37 1.27 10.56
C ARG B 181 -2.21 2.45 9.61
N ASN B 182 -3.32 3.16 9.32
CA ASN B 182 -3.26 4.32 8.45
C ASN B 182 -2.47 5.39 9.19
N ALA B 183 -2.57 5.36 10.51
CA ALA B 183 -1.86 6.33 11.36
C ALA B 183 -0.78 5.65 12.20
N SER B 186 4.95 5.36 11.40
CA SER B 186 6.18 4.58 11.41
C SER B 186 6.27 3.64 10.21
N ARG B 187 5.13 3.40 9.57
CA ARG B 187 5.09 2.52 8.40
C ARG B 187 5.68 3.23 7.18
N GLY B 188 5.77 4.56 7.26
CA GLY B 188 6.31 5.34 6.16
C GLY B 188 5.21 6.00 5.36
N LEU B 189 5.53 7.12 4.72
CA LEU B 189 4.54 7.83 3.93
C LEU B 189 4.13 7.00 2.72
N LYS B 190 5.02 6.20 2.16
CA LYS B 190 4.59 5.40 1.00
C LYS B 190 3.48 4.42 1.39
N ALA B 191 3.68 3.72 2.50
CA ALA B 191 2.71 2.76 3.01
C ALA B 191 1.38 3.45 3.36
N ARG B 192 1.47 4.64 3.94
CA ARG B 192 0.29 5.42 4.31
C ARG B 192 -0.54 5.83 3.07
N ALA B 193 0.14 6.25 2.01
CA ALA B 193 -0.53 6.65 0.78
C ALA B 193 -1.17 5.42 0.10
N ALA B 194 -0.55 4.24 0.25
CA ALA B 194 -1.13 3.03 -0.35
C ALA B 194 -2.41 2.63 0.40
N ASP B 195 -2.40 2.76 1.72
CA ASP B 195 -3.62 2.46 2.52
C ASP B 195 -4.74 3.45 2.16
N SER B 196 -4.39 4.73 2.09
CA SER B 196 -5.37 5.76 1.74
C SER B 196 -5.99 5.47 0.38
N ALA B 197 -5.15 5.07 -0.58
CA ALA B 197 -5.61 4.74 -1.92
C ALA B 197 -6.56 3.56 -1.91
N ALA B 198 -6.22 2.52 -1.15
CA ALA B 198 -7.08 1.33 -1.07
C ALA B 198 -8.40 1.63 -0.32
N PHE B 199 -8.29 2.41 0.75
CA PHE B 199 -9.46 2.76 1.56
C PHE B 199 -10.43 3.58 0.71
N ASN B 200 -9.87 4.47 -0.10
CA ASN B 200 -10.68 5.31 -0.98
C ASN B 200 -11.35 4.47 -2.06
N ARG B 201 -10.58 3.58 -2.69
CA ARG B 201 -11.16 2.73 -3.72
C ARG B 201 -12.27 1.85 -3.14
N TYR B 202 -12.03 1.28 -1.96
CA TYR B 202 -13.04 0.44 -1.35
C TYR B 202 -14.35 1.25 -1.19
N LEU B 203 -14.24 2.43 -0.58
CA LEU B 203 -15.40 3.29 -0.38
C LEU B 203 -16.04 3.75 -1.68
N ASP B 204 -15.25 3.92 -2.74
CA ASP B 204 -15.83 4.34 -4.01
C ASP B 204 -16.79 3.25 -4.48
N ASN B 205 -16.36 2.00 -4.33
CA ASN B 205 -17.18 0.86 -4.75
C ASN B 205 -18.43 0.69 -3.89
N LEU B 206 -18.26 0.88 -2.59
CA LEU B 206 -19.37 0.77 -1.64
C LEU B 206 -20.40 1.87 -1.95
N LEU B 207 -19.93 3.09 -2.23
CA LEU B 207 -20.84 4.18 -2.56
C LEU B 207 -21.55 3.95 -3.90
N ALA B 208 -20.84 3.38 -4.88
CA ALA B 208 -21.43 3.13 -6.20
C ALA B 208 -22.60 2.16 -6.01
N ARG B 209 -22.41 1.16 -5.15
CA ARG B 209 -23.45 0.18 -4.85
C ARG B 209 -24.64 0.80 -4.14
N GLN B 210 -24.37 1.70 -3.20
CA GLN B 210 -25.44 2.36 -2.46
C GLN B 210 -26.26 3.26 -3.37
N ARG B 211 -25.60 3.97 -4.26
CA ARG B 211 -26.33 4.85 -5.16
C ARG B 211 -27.18 4.09 -6.18
N ALA B 212 -26.75 2.89 -6.56
CA ALA B 212 -27.50 2.08 -7.51
C ALA B 212 -28.77 1.50 -6.87
N ASP B 213 -28.70 1.19 -5.57
CA ASP B 213 -29.83 0.60 -4.83
C ASP B 213 -29.67 0.85 -3.32
N PRO B 214 -30.03 2.05 -2.83
CA PRO B 214 -29.90 2.40 -1.41
C PRO B 214 -30.56 1.45 -0.40
N ASP B 215 -29.78 0.94 0.56
CA ASP B 215 -30.38 0.08 1.60
C ASP B 215 -30.74 0.98 2.79
N ASP B 216 -30.93 0.39 3.97
CA ASP B 216 -31.31 1.20 5.13
C ASP B 216 -30.22 1.38 6.19
N GLY B 217 -28.97 1.27 5.77
CA GLY B 217 -27.88 1.50 6.71
C GLY B 217 -27.73 3.00 6.81
N LEU B 218 -26.64 3.47 7.43
CA LEU B 218 -26.43 4.92 7.56
C LEU B 218 -26.17 5.57 6.20
N LEU B 219 -25.30 4.99 5.38
CA LEU B 219 -25.01 5.56 4.06
C LEU B 219 -26.23 5.44 3.13
N GLY B 220 -26.86 4.26 3.13
CA GLY B 220 -28.03 4.05 2.30
C GLY B 220 -29.09 5.08 2.63
N MET B 221 -29.33 5.33 3.92
CA MET B 221 -30.34 6.32 4.31
C MET B 221 -30.00 7.70 3.78
N ILE B 222 -28.72 8.09 3.86
CA ILE B 222 -28.30 9.40 3.37
C ILE B 222 -28.46 9.51 1.84
N VAL B 223 -28.02 8.50 1.10
CA VAL B 223 -28.14 8.57 -0.34
C VAL B 223 -29.61 8.58 -0.70
N ARG B 224 -30.40 7.83 0.06
CA ARG B 224 -31.84 7.77 -0.19
C ARG B 224 -32.51 9.15 0.07
N ASP B 225 -32.28 9.72 1.24
CA ASP B 225 -32.86 11.02 1.61
C ASP B 225 -32.22 12.21 0.89
N HIS B 226 -30.94 12.10 0.53
CA HIS B 226 -30.23 13.23 -0.09
C HIS B 226 -29.61 13.02 -1.46
N GLY B 227 -29.34 11.76 -1.82
CA GLY B 227 -28.75 11.41 -3.10
C GLY B 227 -28.06 12.49 -3.91
N ASP B 228 -28.87 13.34 -4.54
CA ASP B 228 -28.36 14.40 -5.40
C ASP B 228 -27.59 15.49 -4.67
N ASN B 229 -28.16 15.96 -3.56
CA ASN B 229 -27.59 17.03 -2.74
C ASN B 229 -26.19 16.74 -2.18
N VAL B 230 -25.89 15.49 -1.84
CA VAL B 230 -24.58 15.16 -1.27
C VAL B 230 -23.60 14.48 -2.23
N THR B 231 -22.33 14.88 -2.18
CA THR B 231 -21.33 14.30 -3.06
C THR B 231 -20.66 13.04 -2.50
N ASP B 232 -20.01 12.28 -3.36
CA ASP B 232 -19.32 11.09 -2.90
C ASP B 232 -18.15 11.49 -1.99
N GLU B 233 -17.49 12.59 -2.33
CA GLU B 233 -16.36 13.06 -1.51
C GLU B 233 -16.88 13.41 -0.11
N GLU B 234 -18.07 14.00 -0.04
CA GLU B 234 -18.65 14.34 1.26
C GLU B 234 -19.01 13.09 2.05
N LEU B 235 -19.49 12.07 1.36
CA LEU B 235 -19.87 10.81 2.01
C LEU B 235 -18.66 10.11 2.56
N LYS B 236 -17.55 10.13 1.81
CA LYS B 236 -16.33 9.50 2.25
C LYS B 236 -15.78 10.21 3.48
N GLY B 237 -15.85 11.54 3.45
CA GLY B 237 -15.39 12.35 4.57
C GLY B 237 -16.20 12.02 5.81
N LEU B 238 -17.53 11.94 5.68
CA LEU B 238 -18.38 11.61 6.81
C LEU B 238 -18.02 10.22 7.35
N CYS B 239 -17.79 9.25 6.46
CA CYS B 239 -17.38 7.91 6.94
C CYS B 239 -16.15 8.01 7.81
N THR B 240 -15.16 8.73 7.32
CA THR B 240 -13.91 8.94 8.05
C THR B 240 -14.14 9.61 9.37
N ALA B 241 -14.97 10.65 9.38
CA ALA B 241 -15.28 11.37 10.61
C ALA B 241 -15.87 10.43 11.69
N LEU B 242 -16.79 9.55 11.28
CA LEU B 242 -17.45 8.62 12.18
C LEU B 242 -16.47 7.58 12.70
N ILE B 243 -15.59 7.10 11.83
CA ILE B 243 -14.59 6.13 12.25
C ILE B 243 -13.66 6.78 13.28
N LEU B 244 -13.15 7.96 12.95
CA LEU B 244 -12.24 8.68 13.84
C LEU B 244 -12.94 9.19 15.11
N GLY B 245 -14.23 9.47 15.01
CA GLY B 245 -14.92 9.94 16.19
C GLY B 245 -15.47 8.82 17.04
N GLY B 246 -15.75 7.67 16.49
CA GLY B 246 -16.38 6.62 17.29
C GLY B 246 -15.61 5.32 17.65
N VAL B 247 -14.59 4.95 16.91
CA VAL B 247 -13.88 3.70 17.25
C VAL B 247 -13.02 3.84 18.50
N GLU B 248 -12.04 4.75 18.51
CA GLU B 248 -11.15 4.89 19.68
C GLU B 248 -11.78 5.45 20.95
N THR B 249 -12.85 6.25 20.78
CA THR B 249 -13.57 6.79 21.92
C THR B 249 -14.30 5.68 22.65
N VAL B 250 -15.02 4.84 21.89
CA VAL B 250 -15.69 3.72 22.54
C VAL B 250 -14.68 2.75 23.15
N ALA B 251 -13.61 2.47 22.40
CA ALA B 251 -12.57 1.56 22.91
C ALA B 251 -11.91 2.12 24.20
N GLY B 252 -11.64 3.42 24.18
CA GLY B 252 -11.06 4.10 25.35
C GLY B 252 -12.01 4.10 26.53
N MET B 253 -13.30 4.33 26.29
CA MET B 253 -14.28 4.27 27.39
C MET B 253 -14.38 2.88 27.99
N ILE B 254 -14.38 1.85 27.14
CA ILE B 254 -14.43 0.50 27.69
C ILE B 254 -13.17 0.20 28.50
N GLY B 255 -12.01 0.45 27.90
CA GLY B 255 -10.74 0.19 28.59
C GLY B 255 -10.53 1.00 29.86
N PHE B 256 -10.67 2.32 29.77
CA PHE B 256 -10.51 3.18 30.95
C PHE B 256 -11.64 2.92 31.95
N GLY B 257 -12.84 2.65 31.44
CA GLY B 257 -13.98 2.39 32.33
C GLY B 257 -13.74 1.15 33.19
N VAL B 258 -13.14 0.13 32.58
CA VAL B 258 -12.87 -1.08 33.33
C VAL B 258 -11.80 -0.77 34.38
N LEU B 259 -10.76 -0.03 34.00
CA LEU B 259 -9.74 0.33 34.98
C LEU B 259 -10.35 1.16 36.12
N ALA B 260 -11.21 2.10 35.78
CA ALA B 260 -11.83 2.95 36.81
C ALA B 260 -12.81 2.18 37.72
N LEU B 261 -13.59 1.27 37.13
CA LEU B 261 -14.56 0.51 37.93
C LEU B 261 -13.82 -0.53 38.82
N LEU B 262 -12.70 -1.08 38.35
CA LEU B 262 -11.94 -2.04 39.19
C LEU B 262 -11.34 -1.27 40.38
N ASP B 263 -11.01 -0.01 40.17
CA ASP B 263 -10.45 0.89 41.19
C ASP B 263 -11.49 1.39 42.20
N ASN B 264 -12.77 1.35 41.81
CA ASN B 264 -13.91 1.81 42.61
C ASN B 264 -15.00 0.74 42.54
N PRO B 265 -14.70 -0.47 43.06
CA PRO B 265 -15.68 -1.56 43.02
C PRO B 265 -17.11 -1.29 43.49
N GLY B 266 -17.29 -0.38 44.44
CA GLY B 266 -18.64 -0.07 44.88
C GLY B 266 -19.50 0.50 43.75
N GLN B 267 -18.89 1.07 42.71
CA GLN B 267 -19.63 1.64 41.61
C GLN B 267 -20.21 0.57 40.65
N ILE B 268 -19.59 -0.60 40.64
CA ILE B 268 -20.06 -1.70 39.77
C ILE B 268 -21.50 -2.07 40.14
N GLU B 269 -21.79 -2.10 41.44
CA GLU B 269 -23.12 -2.41 41.93
C GLU B 269 -24.18 -1.49 41.33
N LEU B 270 -23.87 -0.20 41.26
CA LEU B 270 -24.83 0.76 40.72
C LEU B 270 -25.31 0.40 39.31
N LEU B 271 -24.50 -0.35 38.55
CA LEU B 271 -24.84 -0.77 37.19
C LEU B 271 -26.06 -1.65 37.07
N PHE B 272 -26.25 -2.50 38.08
CA PHE B 272 -27.35 -3.45 38.10
C PHE B 272 -28.49 -3.02 39.03
N GLU B 273 -28.41 -1.80 39.56
CA GLU B 273 -29.42 -1.28 40.48
C GLU B 273 -30.73 -0.98 39.74
N SER B 274 -30.65 -0.26 38.64
CA SER B 274 -31.81 0.08 37.85
C SER B 274 -31.32 0.65 36.52
N PRO B 275 -32.18 0.68 35.50
CA PRO B 275 -31.73 1.25 34.23
C PRO B 275 -31.35 2.70 34.41
N GLU B 276 -32.03 3.39 35.32
CA GLU B 276 -31.70 4.79 35.58
C GLU B 276 -30.34 4.95 36.30
N LYS B 277 -30.03 4.07 37.24
CA LYS B 277 -28.75 4.19 37.93
C LYS B 277 -27.59 3.73 37.01
N ALA B 278 -27.89 2.81 36.10
CA ALA B 278 -26.90 2.32 35.18
C ALA B 278 -26.49 3.43 34.20
N GLU B 279 -27.47 4.23 33.76
CA GLU B 279 -27.21 5.35 32.86
C GLU B 279 -26.32 6.39 33.56
N ARG B 280 -26.54 6.59 34.88
CA ARG B 280 -25.74 7.53 35.64
C ARG B 280 -24.30 7.06 35.79
N VAL B 281 -24.10 5.76 35.92
CA VAL B 281 -22.73 5.25 36.05
C VAL B 281 -22.02 5.54 34.74
N VAL B 282 -22.72 5.28 33.62
CA VAL B 282 -22.12 5.55 32.32
C VAL B 282 -21.83 7.04 32.16
N ASN B 283 -22.79 7.91 32.46
CA ASN B 283 -22.53 9.35 32.33
C ASN B 283 -21.41 9.83 33.28
N GLU B 284 -21.36 9.24 34.47
CA GLU B 284 -20.30 9.61 35.42
C GLU B 284 -18.94 9.13 34.93
N LEU B 285 -18.85 7.95 34.33
CA LEU B 285 -17.57 7.50 33.78
C LEU B 285 -17.13 8.44 32.64
N VAL B 286 -18.06 8.88 31.78
CA VAL B 286 -17.72 9.78 30.69
C VAL B 286 -17.17 11.09 31.31
N ARG B 287 -17.82 11.62 32.34
CA ARG B 287 -17.30 12.85 32.98
C ARG B 287 -15.91 12.63 33.56
N TYR B 288 -15.77 11.62 34.40
CA TYR B 288 -14.50 11.34 35.07
C TYR B 288 -13.36 11.00 34.10
N LEU B 289 -13.67 10.26 33.04
CA LEU B 289 -12.62 9.85 32.12
C LEU B 289 -12.29 10.79 30.96
N SER B 290 -13.32 11.40 30.37
CA SER B 290 -13.16 12.33 29.24
C SER B 290 -12.02 11.92 28.31
N PRO B 291 -12.20 10.79 27.58
CA PRO B 291 -11.20 10.25 26.64
C PRO B 291 -10.82 11.24 25.52
N VAL B 292 -11.78 12.03 25.05
CA VAL B 292 -11.52 13.12 24.15
C VAL B 292 -11.18 14.23 25.13
N GLN B 293 -9.91 14.23 25.52
CA GLN B 293 -9.39 15.17 26.51
C GLN B 293 -9.35 16.59 25.96
N ALA B 294 -8.88 16.70 24.73
CA ALA B 294 -8.80 18.00 24.07
C ALA B 294 -9.28 17.88 22.62
N PRO B 295 -10.46 18.46 22.34
CA PRO B 295 -11.05 18.43 21.01
C PRO B 295 -10.26 19.36 20.11
N ASN B 296 -10.73 19.53 18.89
CA ASN B 296 -10.08 20.42 17.92
C ASN B 296 -9.82 21.78 18.55
N PRO B 297 -8.60 22.32 18.38
CA PRO B 297 -8.33 23.65 18.95
C PRO B 297 -9.28 24.65 18.29
N ARG B 298 -9.72 25.65 19.03
CA ARG B 298 -10.62 26.66 18.47
C ARG B 298 -9.81 27.87 17.98
N LEU B 299 -9.99 28.26 16.73
CA LEU B 299 -9.26 29.42 16.20
C LEU B 299 -10.18 30.66 16.24
N ALA B 300 -9.75 31.73 16.93
CA ALA B 300 -10.57 32.94 16.99
C ALA B 300 -10.60 33.63 15.63
N ILE B 301 -11.80 33.99 15.21
CA ILE B 301 -11.99 34.68 13.94
C ILE B 301 -12.50 36.08 14.21
N LYS B 302 -12.81 36.37 15.48
CA LYS B 302 -13.24 37.70 15.89
C LYS B 302 -12.73 37.95 17.31
N ASP B 303 -12.20 39.13 17.57
CA ASP B 303 -11.74 39.42 18.93
C ASP B 303 -12.88 39.21 19.92
N VAL B 304 -12.60 38.65 21.09
CA VAL B 304 -13.65 38.46 22.08
C VAL B 304 -13.12 38.52 23.51
N VAL B 305 -13.91 39.12 24.40
CA VAL B 305 -13.55 39.23 25.81
C VAL B 305 -14.12 38.04 26.61
N ILE B 306 -13.25 37.26 27.23
CA ILE B 306 -13.71 36.13 28.03
C ILE B 306 -12.99 36.04 29.36
N ASP B 307 -13.74 36.04 30.45
CA ASP B 307 -13.10 35.90 31.75
C ASP B 307 -12.03 36.97 32.02
N GLY B 308 -12.30 38.22 31.64
CA GLY B 308 -11.32 39.27 31.86
C GLY B 308 -10.12 39.29 30.92
N GLN B 309 -10.14 38.39 29.93
CA GLN B 309 -9.06 38.31 28.97
C GLN B 309 -9.57 38.64 27.58
N LEU B 310 -8.68 39.19 26.76
CA LEU B 310 -9.04 39.53 25.39
C LEU B 310 -8.44 38.48 24.47
N ILE B 311 -9.29 37.66 23.84
CA ILE B 311 -8.83 36.66 22.88
C ILE B 311 -8.89 37.34 21.52
N LYS B 312 -7.74 37.46 20.90
CA LYS B 312 -7.57 38.12 19.61
C LYS B 312 -7.83 37.23 18.39
N ALA B 313 -8.52 37.77 17.38
CA ALA B 313 -8.74 37.02 16.14
C ALA B 313 -7.34 36.53 15.75
N GLY B 314 -7.21 35.25 15.37
CA GLY B 314 -5.91 34.69 15.03
C GLY B 314 -5.30 33.81 16.13
N ASP B 315 -5.74 34.02 17.36
CA ASP B 315 -5.27 33.24 18.51
C ASP B 315 -5.95 31.86 18.54
N TYR B 316 -5.21 30.83 18.96
CA TYR B 316 -5.79 29.50 19.13
C TYR B 316 -6.13 29.30 20.61
N VAL B 317 -7.20 28.57 20.90
CA VAL B 317 -7.55 28.28 22.28
C VAL B 317 -7.70 26.76 22.41
N LEU B 318 -6.92 26.14 23.30
CA LEU B 318 -7.05 24.70 23.53
C LEU B 318 -8.08 24.56 24.62
N CYS B 319 -9.05 23.68 24.41
CA CYS B 319 -10.08 23.47 25.43
C CYS B 319 -9.86 22.13 26.10
N SER B 320 -9.56 22.13 27.40
CA SER B 320 -9.42 20.84 28.08
C SER B 320 -10.74 20.35 28.67
N ILE B 321 -11.37 19.39 27.98
CA ILE B 321 -12.63 18.78 28.42
C ILE B 321 -12.34 17.98 29.69
N LEU B 322 -11.18 17.32 29.74
CA LEU B 322 -10.83 16.52 30.93
C LEU B 322 -10.69 17.41 32.19
N MET B 323 -9.92 18.49 32.09
CA MET B 323 -9.73 19.37 33.25
C MET B 323 -11.04 20.11 33.60
N ALA B 324 -11.80 20.49 32.58
CA ALA B 324 -13.08 21.14 32.84
C ALA B 324 -13.97 20.20 33.64
N ASN B 325 -13.97 18.90 33.28
CA ASN B 325 -14.80 17.95 33.98
C ASN B 325 -14.30 17.60 35.38
N ARG B 326 -13.09 18.04 35.73
CA ARG B 326 -12.53 17.84 37.08
C ARG B 326 -12.61 19.15 37.93
N ASP B 327 -13.32 20.14 37.42
CA ASP B 327 -13.45 21.42 38.14
C ASP B 327 -14.39 21.25 39.32
N GLU B 328 -13.93 21.63 40.51
CA GLU B 328 -14.80 21.57 41.69
C GLU B 328 -16.05 22.47 41.46
N ALA B 329 -15.96 23.46 40.56
CA ALA B 329 -17.11 24.34 40.28
C ALA B 329 -18.25 23.58 39.60
N LEU B 330 -17.91 22.53 38.87
CA LEU B 330 -18.93 21.72 38.22
C LEU B 330 -19.61 20.80 39.23
N THR B 331 -18.81 20.18 40.09
CA THR B 331 -19.31 19.22 41.05
C THR B 331 -18.27 19.03 42.20
N PRO B 332 -18.74 18.92 43.46
CA PRO B 332 -17.88 18.71 44.65
C PRO B 332 -17.18 17.37 44.51
N ASP B 333 -15.95 17.27 45.03
CA ASP B 333 -15.16 16.02 44.99
C ASP B 333 -15.16 15.50 43.55
N PRO B 334 -14.76 16.33 42.59
CA PRO B 334 -14.74 15.92 41.18
C PRO B 334 -13.74 14.84 40.79
N ASP B 335 -12.69 14.65 41.59
CA ASP B 335 -11.71 13.65 41.26
C ASP B 335 -11.99 12.26 41.83
N VAL B 336 -13.23 12.05 42.23
CA VAL B 336 -13.68 10.78 42.78
C VAL B 336 -14.75 10.25 41.80
N LEU B 337 -14.78 8.95 41.54
CA LEU B 337 -15.79 8.38 40.65
C LEU B 337 -16.99 8.03 41.53
N ASP B 338 -18.08 8.77 41.35
CA ASP B 338 -19.28 8.55 42.17
C ASP B 338 -20.57 8.82 41.41
N ALA B 339 -21.20 7.76 40.92
CA ALA B 339 -22.40 7.96 40.13
C ALA B 339 -23.57 8.50 40.93
N ASN B 340 -23.44 8.49 42.25
CA ASN B 340 -24.51 8.97 43.12
C ASN B 340 -24.46 10.48 43.32
N ARG B 341 -23.42 11.12 42.78
CA ARG B 341 -23.33 12.57 42.89
C ARG B 341 -24.57 13.13 42.17
N ALA B 342 -24.93 14.38 42.47
CA ALA B 342 -26.07 14.98 41.79
C ALA B 342 -25.68 15.18 40.32
N ALA B 343 -26.60 14.86 39.42
CA ALA B 343 -26.32 14.99 38.00
C ALA B 343 -26.06 16.43 37.54
N VAL B 344 -24.98 16.59 36.78
CA VAL B 344 -24.59 17.89 36.28
C VAL B 344 -24.39 17.83 34.79
N SER B 345 -24.26 19.00 34.17
CA SER B 345 -24.06 19.08 32.73
C SER B 345 -22.57 19.09 32.33
N ASP B 346 -21.93 17.94 32.37
CA ASP B 346 -20.50 17.86 32.02
C ASP B 346 -20.26 18.13 30.54
N VAL B 347 -18.99 18.24 30.16
CA VAL B 347 -18.71 18.47 28.74
C VAL B 347 -17.97 17.31 28.08
N GLY B 348 -18.16 16.13 28.64
CA GLY B 348 -17.49 14.94 28.12
C GLY B 348 -17.80 14.69 26.64
N PHE B 349 -19.03 14.99 26.22
CA PHE B 349 -19.46 14.81 24.84
C PHE B 349 -19.48 16.15 24.11
N GLY B 350 -18.86 17.18 24.69
CA GLY B 350 -18.83 18.47 24.00
C GLY B 350 -19.97 19.38 24.39
N HIS B 351 -20.15 20.45 23.63
CA HIS B 351 -21.21 21.40 23.91
C HIS B 351 -21.37 22.28 22.69
N GLY B 352 -22.60 22.56 22.32
CA GLY B 352 -22.83 23.40 21.15
C GLY B 352 -23.12 22.64 19.86
N ILE B 353 -22.84 23.27 18.72
CA ILE B 353 -23.17 22.62 17.44
C ILE B 353 -22.41 21.33 17.17
N HIS B 354 -21.23 21.17 17.76
CA HIS B 354 -20.43 19.98 17.53
C HIS B 354 -20.64 18.89 18.58
N TYR B 355 -21.62 19.10 19.45
CA TYR B 355 -21.94 18.11 20.49
C TYR B 355 -22.04 16.70 19.83
N CYS B 356 -21.35 15.73 20.42
CA CYS B 356 -21.27 14.38 19.89
C CYS B 356 -22.55 13.81 19.28
N VAL B 357 -22.49 13.60 17.97
CA VAL B 357 -23.60 13.02 17.21
C VAL B 357 -23.83 11.55 17.66
N GLY B 358 -22.76 10.90 18.14
CA GLY B 358 -22.91 9.52 18.57
C GLY B 358 -23.13 9.28 20.07
N ALA B 359 -23.45 10.33 20.82
CA ALA B 359 -23.61 10.20 22.27
C ALA B 359 -24.60 9.14 22.76
N ALA B 360 -25.80 9.11 22.18
CA ALA B 360 -26.81 8.12 22.59
C ALA B 360 -26.36 6.70 22.23
N LEU B 361 -25.70 6.54 21.10
CA LEU B 361 -25.21 5.23 20.71
C LEU B 361 -24.15 4.80 21.71
N ALA B 362 -23.22 5.71 22.03
CA ALA B 362 -22.15 5.40 22.99
C ALA B 362 -22.69 5.03 24.37
N ARG B 363 -23.68 5.79 24.85
CA ARG B 363 -24.28 5.51 26.14
C ARG B 363 -24.89 4.12 26.15
N SER B 364 -25.62 3.78 25.09
CA SER B 364 -26.25 2.46 25.00
C SER B 364 -25.19 1.32 24.94
N MET B 365 -24.23 1.44 24.02
CA MET B 365 -23.19 0.42 23.90
C MET B 365 -22.38 0.24 25.16
N LEU B 366 -22.04 1.35 25.82
CA LEU B 366 -21.24 1.24 27.04
C LEU B 366 -21.99 0.56 28.19
N ARG B 367 -23.27 0.87 28.35
CA ARG B 367 -24.04 0.24 29.41
C ARG B 367 -24.05 -1.29 29.17
N MET B 368 -24.38 -1.70 27.96
CA MET B 368 -24.37 -3.13 27.63
C MET B 368 -22.96 -3.74 27.82
N ALA B 369 -21.92 -3.03 27.40
CA ALA B 369 -20.56 -3.58 27.54
C ALA B 369 -20.20 -3.83 29.00
N TYR B 370 -20.36 -2.82 29.84
CA TYR B 370 -20.03 -2.96 31.25
C TYR B 370 -20.94 -4.00 31.97
N GLN B 371 -22.24 -3.93 31.75
CA GLN B 371 -23.12 -4.88 32.43
C GLN B 371 -22.82 -6.33 32.02
N THR B 372 -22.62 -6.56 30.72
CA THR B 372 -22.37 -7.92 30.26
C THR B 372 -21.05 -8.46 30.74
N LEU B 373 -20.03 -7.61 30.69
CA LEU B 373 -18.70 -7.97 31.18
C LEU B 373 -18.74 -8.47 32.63
N TRP B 374 -19.36 -7.70 33.52
CA TRP B 374 -19.40 -8.11 34.92
C TRP B 374 -20.40 -9.23 35.22
N ARG B 375 -21.36 -9.42 34.32
CA ARG B 375 -22.31 -10.51 34.49
C ARG B 375 -21.56 -11.81 34.14
N ARG B 376 -20.74 -11.76 33.09
CA ARG B 376 -19.95 -12.92 32.65
C ARG B 376 -18.68 -13.16 33.50
N PHE B 377 -18.06 -12.11 34.00
CA PHE B 377 -16.83 -12.23 34.79
C PHE B 377 -16.98 -11.44 36.09
N PRO B 378 -17.78 -11.94 37.05
CA PRO B 378 -17.97 -11.22 38.31
C PRO B 378 -16.67 -10.95 39.05
N GLY B 379 -15.71 -11.84 38.90
CA GLY B 379 -14.44 -11.70 39.57
C GLY B 379 -13.33 -11.08 38.76
N LEU B 380 -13.68 -10.31 37.74
CA LEU B 380 -12.69 -9.66 36.89
C LEU B 380 -11.62 -8.95 37.73
N ARG B 381 -10.37 -9.12 37.36
CA ARG B 381 -9.29 -8.48 38.08
C ARG B 381 -8.17 -8.16 37.11
N LEU B 382 -7.49 -7.03 37.34
CA LEU B 382 -6.35 -6.62 36.52
C LEU B 382 -5.26 -7.63 36.78
N ALA B 383 -4.62 -8.14 35.73
CA ALA B 383 -3.61 -9.18 35.88
C ALA B 383 -2.16 -8.69 35.92
N VAL B 384 -1.96 -7.40 36.11
CA VAL B 384 -0.61 -6.82 36.22
C VAL B 384 -0.71 -5.64 37.19
N PRO B 385 0.40 -5.22 37.80
CA PRO B 385 0.37 -4.08 38.72
C PRO B 385 -0.09 -2.88 37.87
N ILE B 386 -0.91 -2.01 38.43
CA ILE B 386 -1.42 -0.87 37.66
C ILE B 386 -0.31 -0.05 36.99
N GLU B 387 0.82 0.10 37.65
CA GLU B 387 1.90 0.88 37.07
C GLU B 387 2.50 0.25 35.81
N GLU B 388 2.12 -0.98 35.50
CA GLU B 388 2.66 -1.63 34.31
C GLU B 388 1.78 -1.41 33.09
N VAL B 389 0.60 -0.84 33.30
CA VAL B 389 -0.32 -0.59 32.20
C VAL B 389 0.21 0.60 31.38
N LYS B 390 0.28 0.41 30.07
CA LYS B 390 0.74 1.44 29.14
C LYS B 390 -0.45 2.00 28.38
N TYR B 391 -0.34 3.25 27.96
CA TYR B 391 -1.40 3.88 27.25
C TYR B 391 -0.98 4.36 25.86
N ARG B 392 -1.97 4.56 24.99
CA ARG B 392 -1.70 5.02 23.64
C ARG B 392 -1.45 6.52 23.62
N SER B 393 -0.87 7.03 22.53
CA SER B 393 -0.61 8.45 22.44
C SER B 393 -1.25 8.87 21.12
N ALA B 394 -2.53 9.24 21.19
CA ALA B 394 -3.23 9.62 20.00
C ALA B 394 -4.14 10.77 20.35
N PHE B 395 -4.96 11.18 19.40
CA PHE B 395 -5.92 12.28 19.61
C PHE B 395 -6.97 11.94 20.67
N VAL B 396 -7.21 10.65 20.87
CA VAL B 396 -8.18 10.18 21.88
C VAL B 396 -7.38 9.33 22.84
N ASP B 397 -7.50 9.59 24.14
CA ASP B 397 -6.77 8.80 25.14
C ASP B 397 -7.35 7.38 25.23
N CYS B 398 -6.49 6.38 25.42
CA CYS B 398 -6.99 4.99 25.47
C CYS B 398 -5.87 4.03 25.92
N PRO B 399 -6.19 3.03 26.79
CA PRO B 399 -5.19 2.05 27.25
C PRO B 399 -4.65 1.29 26.04
N ASP B 400 -3.39 0.83 26.10
CA ASP B 400 -2.86 0.08 24.97
C ASP B 400 -3.13 -1.41 25.16
N GLN B 401 -2.96 -1.89 26.39
CA GLN B 401 -3.20 -3.30 26.72
C GLN B 401 -3.70 -3.31 28.16
N VAL B 402 -4.72 -4.14 28.42
CA VAL B 402 -5.28 -4.27 29.76
C VAL B 402 -5.43 -5.76 30.10
N PRO B 403 -4.34 -6.39 30.51
CA PRO B 403 -4.33 -7.82 30.87
C PRO B 403 -5.28 -8.05 32.05
N VAL B 404 -6.21 -9.00 31.92
CA VAL B 404 -7.16 -9.30 33.01
C VAL B 404 -7.21 -10.81 33.33
N THR B 405 -7.68 -11.13 34.53
CA THR B 405 -7.87 -12.51 34.91
C THR B 405 -9.23 -12.47 35.61
N TRP B 406 -9.73 -13.64 36.04
CA TRP B 406 -11.04 -13.74 36.67
C TRP B 406 -11.23 -15.06 37.43
CHA HEM C . 17.50 -14.07 -16.93
CHB HEM C . 15.52 -9.98 -18.50
CHC HEM C . 18.78 -9.64 -22.11
CHD HEM C . 20.15 -14.11 -20.96
C1A HEM C . 16.71 -12.92 -16.95
C2A HEM C . 15.59 -12.60 -16.07
C3A HEM C . 15.05 -11.48 -16.54
C4A HEM C . 15.79 -11.13 -17.76
CMA HEM C . 13.71 -10.82 -16.15
CAA HEM C . 15.12 -13.30 -14.78
CBA HEM C . 14.36 -14.55 -15.17
CGA HEM C . 13.81 -15.32 -13.97
O1A HEM C . 13.13 -16.35 -14.19
O2A HEM C . 14.08 -14.87 -12.83
C1B HEM C . 16.19 -9.51 -19.66
C2B HEM C . 15.97 -8.24 -20.29
C3B HEM C . 16.91 -8.19 -21.31
C4B HEM C . 17.65 -9.41 -21.30
CMB HEM C . 14.95 -7.11 -19.89
CAB HEM C . 17.22 -7.14 -22.24
CBB HEM C . 17.21 -5.89 -21.73
C1C HEM C . 19.47 -10.86 -22.05
C2C HEM C . 20.51 -11.22 -23.01
C3C HEM C . 20.87 -12.49 -22.74
C4C HEM C . 20.10 -12.86 -21.53
CMC HEM C . 21.12 -10.20 -24.03
CAC HEM C . 21.75 -13.37 -23.43
CBC HEM C . 22.97 -12.97 -23.91
C1D HEM C . 19.43 -14.59 -19.85
C2D HEM C . 19.60 -15.85 -19.23
C3D HEM C . 18.95 -15.84 -18.01
C4D HEM C . 18.39 -14.50 -17.91
CMD HEM C . 20.30 -17.04 -19.87
CAD HEM C . 18.86 -16.97 -17.02
CBD HEM C . 19.90 -16.69 -15.92
CGD HEM C . 19.89 -17.73 -14.78
O1D HEM C . 18.91 -18.49 -14.67
O2D HEM C . 20.87 -17.78 -13.98
NA HEM C . 16.77 -12.02 -17.95
NB HEM C . 17.26 -10.19 -20.26
NC HEM C . 19.29 -11.83 -21.13
ND HEM C . 18.64 -13.77 -19.09
FE HEM C . 18.06 -11.87 -19.53
O1 PG4 D . 13.86 -14.57 -20.45
C1 PG4 D . 14.35 -14.72 -19.13
C2 PG4 D . 15.03 -16.07 -18.87
O2 PG4 D . 15.54 -16.61 -20.07
C3 PG4 D . 16.28 -17.82 -19.91
C4 PG4 D . 16.05 -18.74 -21.12
O3 PG4 D . 14.69 -19.16 -21.16
C5 PG4 D . 14.52 -20.56 -21.04
C6 PG4 D . 13.02 -20.91 -21.14
O4 PG4 D . 12.65 -21.62 -19.96
C7 PG4 D . 11.26 -21.60 -19.68
C8 PG4 D . 10.86 -22.99 -19.13
O5 PG4 D . 10.05 -22.84 -17.98
C1 PEG E . 23.55 15.03 -30.47
O1 PEG E . 23.50 16.25 -29.72
C2 PEG E . 22.14 14.44 -30.54
O2 PEG E . 21.53 14.03 -31.80
C3 PEG E . 20.16 13.47 -31.84
C4 PEG E . 19.25 14.65 -31.62
O4 PEG E . 17.85 14.45 -31.56
CHA HEM F . -18.08 15.01 18.40
CHB HEM F . -16.81 12.72 22.51
CHC HEM F . -18.53 8.57 20.72
CHD HEM F . -18.85 10.67 16.32
C1A HEM F . -17.61 14.80 19.71
C2A HEM F . -17.11 15.84 20.62
C3A HEM F . -16.72 15.19 21.81
C4A HEM F . -16.99 13.75 21.57
CMA HEM F . -15.93 15.82 22.95
CAA HEM F . -16.97 17.32 20.32
CBA HEM F . -15.65 17.68 19.61
CGA HEM F . -15.52 19.19 19.35
O1A HEM F . -16.38 19.96 19.86
O2A HEM F . -14.59 19.61 18.63
C1B HEM F . -17.08 11.39 22.39
C2B HEM F . -17.01 10.44 23.44
C3B HEM F . -17.50 9.31 22.94
C4B HEM F . -17.89 9.52 21.57
CMB HEM F . -16.51 10.61 24.91
CAB HEM F . -17.66 8.19 23.74
CBB HEM F . -17.50 6.85 23.50
C1C HEM F . -18.79 8.73 19.35
C2C HEM F . -19.36 7.66 18.46
C3C HEM F . -19.40 8.29 17.22
C4C HEM F . -18.98 9.69 17.37
CMC HEM F . -19.92 6.30 18.98
CAC HEM F . -19.64 7.75 15.92
CBC HEM F . -20.44 6.61 15.71
C1D HEM F . -18.57 12.01 16.52
C2D HEM F . -18.64 12.99 15.48
C3D HEM F . -18.55 14.21 16.08
C4D HEM F . -18.45 13.98 17.49
CMD HEM F . -18.73 12.75 13.96
CAD HEM F . -18.52 15.60 15.34
CBD HEM F . -19.96 16.09 15.22
CGD HEM F . -20.06 17.50 14.65
O1D HEM F . -21.19 17.94 14.38
O2D HEM F . -19.01 18.17 14.50
NA HEM F . -17.54 13.55 20.32
NB HEM F . -17.65 10.81 21.20
NC HEM F . -18.65 9.93 18.67
ND HEM F . -18.40 12.62 17.78
FE HEM F . -18.18 11.75 19.55
O1 PG4 G . -13.57 13.13 18.58
C1 PG4 G . -13.93 14.38 18.05
C2 PG4 G . -14.82 14.26 16.82
O2 PG4 G . -14.20 13.47 15.83
C3 PG4 G . -14.63 13.75 14.50
C4 PG4 G . -13.53 13.32 13.50
O3 PG4 G . -12.41 14.19 13.58
C5 PG4 G . -11.80 14.48 12.33
C6 PG4 G . -10.32 14.87 12.55
O4 PG4 G . -10.27 16.26 12.86
C7 PG4 G . -9.01 16.70 13.33
C8 PG4 G . -8.40 17.66 12.29
O5 PG4 G . -8.46 18.98 12.79
C1 PEG H . -20.25 -8.21 40.02
O1 PEG H . -20.11 -7.40 41.18
C2 PEG H . -21.59 -8.96 40.10
O2 PEG H . -22.60 -8.83 39.05
C3 PEG H . -23.88 -9.56 39.13
C4 PEG H . -24.78 -8.66 39.98
O4 PEG H . -26.12 -9.06 40.28
#